data_7UZL
#
_entry.id   7UZL
#
_entity_poly.entity_id   1
_entity_poly.type   'polypeptide(L)'
_entity_poly.pdbx_seq_one_letter_code
;(DPR)(MAA)A(DVA)(MLE)LLP(DLE)
;
_entity_poly.pdbx_strand_id   A
#
# COMPACT_ATOMS: atom_id res chain seq x y z
N DPR A 1 -1.58 -3.91 -0.81
CA DPR A 1 -1.68 -4.25 -2.23
CB DPR A 1 -1.61 -5.82 -2.28
CG DPR A 1 -1.34 -6.28 -0.83
CD DPR A 1 -1.91 -5.10 -0.01
C DPR A 1 -0.58 -3.57 -3.01
O DPR A 1 0.60 -3.84 -2.79
HA DPR A 1 -2.66 -3.94 -2.62
HB2 DPR A 1 -2.56 -6.21 -2.65
HB3 DPR A 1 -0.79 -6.11 -2.94
HG2 DPR A 1 -1.90 -7.21 -0.61
HG3 DPR A 1 -0.27 -6.42 -0.65
HD2 DPR A 1 -1.42 -5.05 0.96
HD3 DPR A 1 -2.98 -5.20 0.10
N MAA A 2 -0.96 -2.68 -3.92
CM MAA A 2 -2.29 -2.23 -4.34
CA MAA A 2 0.01 -1.95 -4.74
CB MAA A 2 -0.04 -2.47 -6.18
C MAA A 2 -0.32 -0.49 -4.73
O MAA A 2 -0.44 0.15 -5.77
HM1 MAA A 2 -2.64 -1.45 -3.66
HM2 MAA A 2 -2.25 -1.81 -5.35
HM3 MAA A 2 -2.99 -3.06 -4.32
HA MAA A 2 1.01 -2.10 -4.34
HB1 MAA A 2 -0.79 -1.92 -6.73
HB2 MAA A 2 0.93 -2.33 -6.65
HB3 MAA A 2 -0.30 -3.52 -6.17
N ALA A 3 -0.47 0.07 -3.53
CA ALA A 3 -0.79 1.49 -3.37
C ALA A 3 0.28 2.20 -2.56
N DVA A 4 1.48 2.32 -3.14
CA DVA A 4 2.58 3.00 -2.46
CB DVA A 4 3.69 3.31 -3.48
CG1 DVA A 4 4.15 2.00 -4.13
CG2 DVA A 4 3.15 4.25 -4.54
C DVA A 4 3.13 2.10 -1.38
O DVA A 4 2.97 0.89 -1.43
H DVA A 4 1.61 1.97 -4.03
HA DVA A 4 2.24 3.94 -2.02
HB DVA A 4 4.54 3.77 -2.97
HG11 DVA A 4 3.37 1.63 -4.79
HG12 DVA A 4 5.05 2.20 -4.72
HG13 DVA A 4 4.38 1.26 -3.37
HG21 DVA A 4 3.98 4.61 -5.16
HG22 DVA A 4 2.43 3.73 -5.17
HG23 DVA A 4 2.67 5.10 -4.07
N MLE A 5 3.79 2.70 -0.39
CN MLE A 5 4.10 4.11 -0.14
CA MLE A 5 4.37 1.94 0.72
CB MLE A 5 5.84 2.33 0.89
CG MLE A 5 6.60 1.16 1.52
CD1 MLE A 5 7.07 0.20 0.43
CD2 MLE A 5 7.83 1.69 2.27
C MLE A 5 3.62 2.26 1.98
O MLE A 5 4.21 2.38 3.06
HN1 MLE A 5 5.06 4.37 -0.61
HN2 MLE A 5 3.32 4.74 -0.57
HN3 MLE A 5 4.16 4.30 0.93
HA MLE A 5 4.30 0.88 0.51
HB2 MLE A 5 6.28 2.55 -0.09
HB3 MLE A 5 5.92 3.20 1.54
HG MLE A 5 5.95 0.63 2.21
HD11 MLE A 5 6.20 -0.16 -0.13
HD12 MLE A 5 7.74 0.72 -0.26
HD13 MLE A 5 7.58 -0.65 0.88
HD21 MLE A 5 8.26 2.51 1.72
HD22 MLE A 5 7.52 2.04 3.26
HD23 MLE A 5 8.56 0.89 2.38
N LEU A 6 2.31 2.39 1.88
CA LEU A 6 1.47 2.70 3.03
C LEU A 6 0.22 1.82 3.04
N LEU A 7 -0.18 1.39 4.23
CA LEU A 7 -1.36 0.54 4.38
C LEU A 7 -2.53 1.08 3.56
N PRO A 8 -3.50 0.20 3.27
CA PRO A 8 -3.46 -1.20 3.71
C PRO A 8 -2.38 -2.00 2.98
N DLE A 9 -2.10 -1.62 1.74
CA DLE A 9 -1.09 -2.31 0.93
CB DLE A 9 0.15 -1.43 0.81
CG DLE A 9 1.40 -2.25 1.11
CD1 DLE A 9 1.57 -3.33 0.04
CD2 DLE A 9 2.63 -1.35 1.13
C DLE A 9 -1.65 -2.59 -0.43
O DLE A 9 -1.98 -1.68 -1.18
H DLE A 9 -2.58 -0.85 1.36
HA DLE A 9 -0.82 -3.26 1.42
HB2 DLE A 9 0.08 -0.61 1.52
HB3 DLE A 9 0.21 -1.03 -0.20
HG DLE A 9 1.28 -2.74 2.09
HD11 DLE A 9 0.71 -4.01 0.05
HD12 DLE A 9 1.64 -2.86 -0.94
HD13 DLE A 9 2.48 -3.90 0.23
HD21 DLE A 9 3.50 -1.92 1.45
HD22 DLE A 9 2.80 -0.96 0.12
HD23 DLE A 9 2.46 -0.52 1.82
N DPR A 1 -1.59 -3.93 -0.81
CA DPR A 1 -1.68 -4.25 -2.25
CB DPR A 1 -1.61 -5.82 -2.33
CG DPR A 1 -1.31 -6.31 -0.88
CD DPR A 1 -1.88 -5.15 -0.03
C DPR A 1 -0.57 -3.57 -3.00
O DPR A 1 0.61 -3.83 -2.76
HA DPR A 1 -2.65 -3.94 -2.64
HB2 DPR A 1 -2.57 -6.20 -2.66
HB3 DPR A 1 -0.82 -6.11 -3.01
HG2 DPR A 1 -1.83 -7.24 -0.67
HG3 DPR A 1 -0.23 -6.41 -0.73
HD2 DPR A 1 -1.37 -5.11 0.93
HD3 DPR A 1 -2.95 -5.26 0.10
N MAA A 2 -0.94 -2.68 -3.92
CM MAA A 2 -2.28 -2.23 -4.36
CA MAA A 2 0.04 -1.95 -4.72
CB MAA A 2 0.01 -2.47 -6.17
C MAA A 2 -0.30 -0.49 -4.73
O MAA A 2 -0.42 0.14 -5.77
HM1 MAA A 2 -2.21 -1.84 -5.37
HM2 MAA A 2 -2.97 -3.07 -4.33
HM3 MAA A 2 -2.63 -1.45 -3.69
HA MAA A 2 1.03 -2.09 -4.31
HB1 MAA A 2 0.99 -2.34 -6.62
HB2 MAA A 2 -0.25 -3.53 -6.16
HB3 MAA A 2 -0.74 -1.93 -6.74
N ALA A 3 -0.47 0.07 -3.53
CA ALA A 3 -0.79 1.49 -3.38
C ALA A 3 0.27 2.22 -2.57
N DVA A 4 1.46 2.34 -3.14
CA DVA A 4 2.57 3.03 -2.46
CB DVA A 4 3.66 3.36 -3.47
CG1 DVA A 4 4.20 2.06 -4.09
CG2 DVA A 4 3.09 4.24 -4.57
C DVA A 4 3.14 2.12 -1.39
O DVA A 4 2.98 0.91 -1.44
H DVA A 4 1.61 1.97 -4.03
HA DVA A 4 2.22 3.95 -2.00
HB DVA A 4 4.48 3.88 -2.97
HG11 DVA A 4 3.60 1.23 -3.75
HG12 DVA A 4 4.15 2.13 -5.18
HG13 DVA A 4 5.24 1.92 -3.79
HG21 DVA A 4 2.41 4.98 -4.13
HG22 DVA A 4 3.90 4.77 -5.08
HG23 DVA A 4 2.55 3.63 -5.28
N MLE A 5 3.79 2.73 -0.40
CN MLE A 5 4.08 4.14 -0.14
CA MLE A 5 4.39 1.96 0.71
CB MLE A 5 5.86 2.35 0.87
CG MLE A 5 6.63 1.21 1.52
CD1 MLE A 5 7.13 0.25 0.44
CD2 MLE A 5 7.82 1.77 2.30
C MLE A 5 3.64 2.27 1.98
O MLE A 5 4.24 2.37 3.05
HN1 MLE A 5 4.15 4.31 0.94
HN2 MLE A 5 5.03 4.41 -0.61
HN3 MLE A 5 3.28 4.76 -0.55
HA MLE A 5 4.32 0.89 0.49
HB2 MLE A 5 6.28 2.57 -0.11
HB3 MLE A 5 5.93 3.25 1.49
HG MLE A 5 5.97 0.67 2.21
HD11 MLE A 5 6.31 -0.38 0.12
HD12 MLE A 5 7.50 0.82 -0.41
HD13 MLE A 5 7.93 -0.37 0.85
HD21 MLE A 5 7.62 2.81 2.55
HD22 MLE A 5 7.97 1.19 3.21
HD23 MLE A 5 8.72 1.71 1.68
N LEU A 6 2.32 2.39 1.87
CA LEU A 6 1.49 2.68 3.04
C LEU A 6 0.25 1.81 3.04
N LEU A 7 -0.17 1.37 4.22
CA LEU A 7 -1.35 0.53 4.37
C LEU A 7 -2.51 1.08 3.54
N PRO A 8 -3.50 0.21 3.27
CA PRO A 8 -3.48 -1.18 3.72
C PRO A 8 -2.41 -2.01 2.99
N DLE A 9 -2.13 -1.64 1.75
CA DLE A 9 -1.13 -2.35 0.95
CB DLE A 9 0.13 -1.49 0.82
CG DLE A 9 1.37 -2.33 1.14
CD1 DLE A 9 1.55 -3.39 0.05
CD2 DLE A 9 2.60 -1.43 1.19
C DLE A 9 -1.69 -2.62 -0.42
O DLE A 9 -2.04 -1.70 -1.15
H DLE A 9 -2.59 -0.87 1.37
HA DLE A 9 -0.87 -3.29 1.44
HB2 DLE A 9 0.07 -0.65 1.52
HB3 DLE A 9 0.21 -1.10 -0.20
HG DLE A 9 1.23 -2.81 2.11
HD11 DLE A 9 2.46 -3.95 0.25
HD12 DLE A 9 0.70 -4.07 0.06
HD13 DLE A 9 1.61 -2.91 -0.92
HD21 DLE A 9 2.42 -0.60 1.86
HD22 DLE A 9 3.46 -2.01 1.55
HD23 DLE A 9 2.82 -1.05 0.19
N DPR A 1 -1.61 -3.93 -0.80
CA DPR A 1 -1.68 -4.26 -2.24
CB DPR A 1 -1.59 -5.81 -2.32
CG DPR A 1 -2.43 -6.17 -1.06
CD DPR A 1 -1.89 -5.15 -0.02
C DPR A 1 -0.56 -3.58 -2.98
O DPR A 1 0.62 -3.82 -2.73
HA DPR A 1 -2.64 -3.95 -2.65
HB2 DPR A 1 -2.06 -6.21 -3.22
HB3 DPR A 1 -0.57 -6.17 -2.22
HG2 DPR A 1 -3.50 -6.01 -1.25
HG3 DPR A 1 -2.24 -7.19 -0.74
HD2 DPR A 1 -0.99 -5.53 0.43
HD3 DPR A 1 -2.65 -4.95 0.73
N MAA A 2 -0.93 -2.70 -3.91
CM MAA A 2 -2.25 -2.25 -4.38
CA MAA A 2 0.06 -1.96 -4.70
CB MAA A 2 0.07 -2.48 -6.14
C MAA A 2 -0.28 -0.49 -4.70
O MAA A 2 -0.40 0.12 -5.76
HM1 MAA A 2 -2.17 -1.86 -5.38
HM2 MAA A 2 -2.94 -3.09 -4.37
HM3 MAA A 2 -2.62 -1.47 -3.71
HA MAA A 2 1.06 -2.08 -4.26
HB1 MAA A 2 -0.16 -3.55 -6.14
HB2 MAA A 2 -0.68 -1.95 -6.73
HB3 MAA A 2 1.05 -2.32 -6.58
N ALA A 3 -0.46 0.07 -3.52
CA ALA A 3 -0.80 1.49 -3.39
C ALA A 3 0.25 2.23 -2.57
N DVA A 4 1.44 2.36 -3.13
CA DVA A 4 2.54 3.06 -2.45
CB DVA A 4 3.62 3.43 -3.46
CG1 DVA A 4 4.21 2.17 -4.08
CG2 DVA A 4 3.00 4.30 -4.57
C DVA A 4 3.13 2.16 -1.40
O DVA A 4 3.00 0.94 -1.48
H DVA A 4 1.60 1.99 -4.02
HA DVA A 4 2.16 3.97 -1.97
HB DVA A 4 4.41 3.99 -2.96
HG11 DVA A 4 3.42 1.62 -4.60
HG12 DVA A 4 4.98 2.44 -4.80
HG13 DVA A 4 4.63 1.54 -3.30
HG21 DVA A 4 3.74 5.02 -4.91
HG22 DVA A 4 2.69 3.67 -5.39
HG23 DVA A 4 2.14 4.84 -4.16
N MLE A 5 3.79 2.76 -0.40
CN MLE A 5 4.06 4.17 -0.13
CA MLE A 5 4.41 1.98 0.68
CB MLE A 5 5.87 2.41 0.83
CG MLE A 5 6.68 1.25 1.41
CD1 MLE A 5 7.17 0.35 0.27
CD2 MLE A 5 7.88 1.80 2.18
C MLE A 5 3.67 2.25 1.97
O MLE A 5 4.28 2.34 3.04
HN1 MLE A 5 4.13 4.33 0.94
HN2 MLE A 5 5.00 4.46 -0.60
HN3 MLE A 5 3.25 4.78 -0.53
HA MLE A 5 4.36 0.92 0.45
HB2 MLE A 5 6.27 2.68 -0.15
HB3 MLE A 5 5.93 3.27 1.50
HG MLE A 5 6.06 0.67 2.09
HD11 MLE A 5 8.26 0.37 0.24
HD12 MLE A 5 6.83 -0.67 0.45
HD13 MLE A 5 6.77 0.71 -0.68
HD21 MLE A 5 7.56 2.61 2.83
HD22 MLE A 5 8.33 1.00 2.78
HD23 MLE A 5 8.62 2.17 1.48
N LEU A 6 2.36 2.38 1.87
CA LEU A 6 1.52 2.64 3.04
C LEU A 6 0.28 1.76 3.04
N LEU A 7 -0.17 1.37 4.22
CA LEU A 7 -1.35 0.53 4.35
C LEU A 7 -2.51 1.09 3.52
N PRO A 8 -3.51 0.23 3.25
CA PRO A 8 -3.51 -1.16 3.71
C PRO A 8 -2.44 -2.01 3.00
N DLE A 9 -2.14 -1.64 1.76
CA DLE A 9 -1.15 -2.37 0.96
CB DLE A 9 0.13 -1.52 0.85
CG DLE A 9 0.98 -1.71 2.11
CD1 DLE A 9 1.62 -3.09 2.09
CD2 DLE A 9 2.06 -0.64 2.15
C DLE A 9 -1.70 -2.64 -0.41
O DLE A 9 -2.03 -1.70 -1.15
H DLE A 9 -2.59 -0.86 1.37
HA DLE A 9 -0.92 -3.32 1.45
HB2 DLE A 9 -0.14 -0.47 0.74
HB3 DLE A 9 0.70 -1.85 -0.02
HG DLE A 9 0.34 -1.61 2.99
HD11 DLE A 9 1.66 -3.49 3.11
HD12 DLE A 9 1.03 -3.77 1.46
HD13 DLE A 9 2.63 -3.02 1.69
HD21 DLE A 9 1.94 0.03 1.30
HD22 DLE A 9 1.97 -0.07 3.08
HD23 DLE A 9 3.05 -1.12 2.11
N DPR A 1 -1.61 -3.92 -0.80
CA DPR A 1 -1.67 -4.26 -2.24
CB DPR A 1 -1.60 -5.80 -2.32
CG DPR A 1 -2.44 -6.16 -1.07
CD DPR A 1 -1.91 -5.14 -0.02
C DPR A 1 -0.56 -3.56 -2.97
O DPR A 1 0.62 -3.82 -2.70
HA DPR A 1 -2.64 -3.94 -2.64
HB2 DPR A 1 -2.06 -6.20 -3.22
HB3 DPR A 1 -0.58 -6.18 -2.21
HG2 DPR A 1 -3.51 -5.99 -1.26
HG3 DPR A 1 -2.26 -7.19 -0.75
HD2 DPR A 1 -1.00 -5.52 0.45
HD3 DPR A 1 -2.67 -4.94 0.73
N MAA A 2 -0.91 -2.70 -3.91
CM MAA A 2 -2.24 -2.26 -4.38
CA MAA A 2 0.08 -1.96 -4.70
CB MAA A 2 0.09 -2.50 -6.13
C MAA A 2 -0.28 -0.50 -4.72
O MAA A 2 -0.38 0.12 -5.77
HM1 MAA A 2 -2.62 -1.48 -3.72
HM2 MAA A 2 -2.15 -1.86 -5.39
HM3 MAA A 2 -2.93 -3.10 -4.37
HA MAA A 2 1.06 -2.09 -4.26
HB1 MAA A 2 -0.66 -1.97 -6.72
HB2 MAA A 2 1.07 -2.33 -6.57
HB3 MAA A 2 -0.13 -3.56 -6.12
N ALA A 3 -0.46 0.08 -3.53
CA ALA A 3 -0.81 1.49 -3.41
C ALA A 3 0.23 2.24 -2.58
N DVA A 4 1.43 2.37 -3.13
CA DVA A 4 2.52 3.06 -2.44
CB DVA A 4 3.60 3.47 -3.45
CG1 DVA A 4 4.14 2.21 -4.14
CG2 DVA A 4 3.00 4.41 -4.49
C DVA A 4 3.12 2.16 -1.39
O DVA A 4 3.00 0.94 -1.47
H DVA A 4 1.60 1.99 -4.02
HA DVA A 4 2.13 3.97 -1.96
HB DVA A 4 4.41 3.98 -2.93
HG11 DVA A 4 5.19 2.07 -3.87
HG12 DVA A 4 3.56 1.34 -3.82
HG13 DVA A 4 4.05 2.33 -5.22
HG21 DVA A 4 2.26 5.05 -4.02
HG22 DVA A 4 3.78 5.01 -4.94
HG23 DVA A 4 2.51 3.82 -5.28
N MLE A 5 3.78 2.75 -0.41
CN MLE A 5 4.05 4.18 -0.13
CA MLE A 5 4.41 1.98 0.67
CB MLE A 5 5.88 2.41 0.82
CG MLE A 5 6.69 1.25 1.37
CD1 MLE A 5 6.98 0.24 0.26
CD2 MLE A 5 8.01 1.77 1.94
C MLE A 5 3.68 2.24 1.96
O MLE A 5 4.29 2.32 3.03
HN1 MLE A 5 4.99 4.47 -0.60
HN2 MLE A 5 3.23 4.78 -0.52
HN3 MLE A 5 4.12 4.32 0.95
HA MLE A 5 4.37 0.92 0.43
HB2 MLE A 5 6.27 2.70 -0.15
HB3 MLE A 5 5.93 3.26 1.49
HG MLE A 5 6.13 0.75 2.16
HD11 MLE A 5 7.89 -0.31 0.49
HD12 MLE A 5 6.14 -0.45 0.17
HD13 MLE A 5 7.11 0.78 -0.68
HD21 MLE A 5 8.58 2.27 1.15
HD22 MLE A 5 7.81 2.48 2.73
HD23 MLE A 5 8.60 0.94 2.34
N LEU A 6 2.37 2.37 1.88
CA LEU A 6 1.54 2.62 3.05
C LEU A 6 0.29 1.74 3.04
N LEU A 7 -0.17 1.37 4.22
CA LEU A 7 -1.36 0.53 4.36
C LEU A 7 -2.51 1.09 3.52
N PRO A 8 -3.51 0.24 3.24
CA PRO A 8 -3.51 -1.16 3.71
C PRO A 8 -2.46 -2.01 3.00
N DLE A 9 -2.14 -1.64 1.77
CA DLE A 9 -1.14 -2.37 0.97
CB DLE A 9 0.13 -1.54 0.88
CG DLE A 9 0.94 -1.67 2.16
CD1 DLE A 9 1.54 -3.09 2.24
CD2 DLE A 9 2.07 -0.65 2.18
C DLE A 9 -1.69 -2.63 -0.41
O DLE A 9 -2.01 -1.69 -1.14
H DLE A 9 -2.59 -0.85 1.37
HA DLE A 9 -0.92 -3.32 1.46
HB2 DLE A 9 -0.12 -0.49 0.72
HB3 DLE A 9 0.73 -1.89 0.03
HG DLE A 9 0.29 -1.51 3.02
HD11 DLE A 9 0.79 -3.78 2.61
HD12 DLE A 9 1.87 -3.39 1.24
HD13 DLE A 9 2.38 -3.08 2.92
HD21 DLE A 9 1.96 0.02 1.33
HD22 DLE A 9 2.01 -0.06 3.10
HD23 DLE A 9 3.03 -1.16 2.12
N DPR A 1 -1.59 -3.94 -0.83
CA DPR A 1 -1.65 -4.35 -2.24
CB DPR A 1 -1.48 -5.90 -2.22
CG DPR A 1 -2.37 -6.21 -0.98
CD DPR A 1 -1.91 -5.12 0.02
C DPR A 1 -0.57 -3.65 -3.02
O DPR A 1 0.61 -3.94 -2.89
HA DPR A 1 -2.63 -4.12 -2.66
HB2 DPR A 1 -1.88 -6.38 -3.10
HB3 DPR A 1 -0.45 -6.20 -2.04
HG2 DPR A 1 -3.42 -6.10 -1.22
HG3 DPR A 1 -2.15 -7.21 -0.58
HD2 DPR A 1 -1.02 -5.44 0.56
HD3 DPR A 1 -2.71 -4.87 0.71
N MAA A 2 -0.99 -2.70 -3.86
CM MAA A 2 -2.34 -2.20 -4.18
CA MAA A 2 -0.04 -1.93 -4.68
CB MAA A 2 -0.12 -2.42 -6.13
C MAA A 2 -0.40 -0.47 -4.64
O MAA A 2 -0.59 0.17 -5.66
HM1 MAA A 2 -2.62 -1.44 -3.45
HM2 MAA A 2 -2.33 -1.75 -5.17
HM3 MAA A 2 -3.04 -3.02 -4.15
HA MAA A 2 0.97 -2.08 -4.30
HB1 MAA A 2 -1.14 -2.73 -6.36
HB2 MAA A 2 0.17 -1.62 -6.81
HB3 MAA A 2 0.56 -3.26 -6.27
N ALA A 3 -0.49 0.07 -3.42
CA ALA A 3 -0.83 1.47 -3.23
C ALA A 3 0.28 2.20 -2.46
N DVA A 4 1.45 2.33 -3.09
CA DVA A 4 2.58 3.01 -2.46
CB DVA A 4 3.65 3.30 -3.51
CG1 DVA A 4 4.16 1.99 -4.10
CG2 DVA A 4 3.05 4.16 -4.62
C DVA A 4 3.17 2.12 -1.39
O DVA A 4 3.04 0.90 -1.44
H DVA A 4 1.55 1.97 -3.99
HA DVA A 4 2.25 3.94 -2.01
HB DVA A 4 4.48 3.84 -3.05
HG11 DVA A 4 3.33 1.47 -4.60
HG12 DVA A 4 4.94 2.19 -4.84
HG13 DVA A 4 4.56 1.36 -3.32
HG21 DVA A 4 2.38 3.56 -5.23
HG22 DVA A 4 2.48 4.98 -4.17
HG23 DVA A 4 3.84 4.57 -5.24
N MLE A 5 3.80 2.74 -0.39
CN MLE A 5 4.05 4.16 -0.13
CA MLE A 5 4.41 1.99 0.72
CB MLE A 5 5.88 2.42 0.87
CG MLE A 5 6.67 1.29 1.52
CD1 MLE A 5 6.98 0.22 0.47
CD2 MLE A 5 7.97 1.84 2.10
C MLE A 5 3.66 2.27 1.99
O MLE A 5 4.26 2.38 3.06
HN1 MLE A 5 3.23 4.76 -0.52
HN2 MLE A 5 4.14 4.32 0.95
HN3 MLE A 5 4.98 4.46 -0.62
HA MLE A 5 4.37 0.92 0.50
HB2 MLE A 5 6.30 2.64 -0.10
HB3 MLE A 5 5.92 3.30 1.50
HG MLE A 5 6.08 0.85 2.33
HD11 MLE A 5 7.98 -0.19 0.65
HD12 MLE A 5 6.25 -0.59 0.55
HD13 MLE A 5 6.93 0.66 -0.52
HD21 MLE A 5 7.76 2.50 2.93
HD22 MLE A 5 8.60 1.02 2.43
HD23 MLE A 5 8.50 2.40 1.32
N LEU A 6 2.34 2.41 1.88
CA LEU A 6 1.50 2.69 3.03
C LEU A 6 0.25 1.81 3.02
N LEU A 7 -0.18 1.40 4.21
CA LEU A 7 -1.37 0.56 4.34
C LEU A 7 -2.52 1.10 3.50
N PRO A 8 -3.49 0.24 3.19
CA PRO A 8 -3.48 -1.16 3.62
C PRO A 8 -2.39 -1.97 2.91
N DLE A 9 -2.10 -1.62 1.67
CA DLE A 9 -1.09 -2.31 0.88
CB DLE A 9 0.15 -1.42 0.73
CG DLE A 9 1.11 -1.69 1.90
CD1 DLE A 9 1.75 -3.06 1.74
CD2 DLE A 9 2.20 -0.62 1.92
C DLE A 9 -1.63 -2.63 -0.49
O DLE A 9 -1.91 -1.72 -1.28
H DLE A 9 -2.58 -0.86 1.26
HA DLE A 9 -0.81 -3.25 1.38
HB2 DLE A 9 -0.15 -0.38 0.74
HB3 DLE A 9 0.66 -1.64 -0.20
HG DLE A 9 0.55 -1.65 2.84
HD11 DLE A 9 1.86 -3.29 0.68
HD12 DLE A 9 2.72 -3.07 2.21
HD13 DLE A 9 1.11 -3.82 2.21
HD21 DLE A 9 2.09 0.00 2.82
HD22 DLE A 9 3.18 -1.10 1.93
HD23 DLE A 9 2.11 0.01 1.03
N DPR A 1 -1.53 -3.91 -0.81
CA DPR A 1 -1.57 -4.14 -2.27
CB DPR A 1 -1.42 -5.67 -2.48
CG DPR A 1 -2.09 -6.21 -1.19
CD DPR A 1 -1.55 -5.21 -0.12
C DPR A 1 -0.48 -3.36 -2.95
O DPR A 1 0.65 -3.31 -2.48
HA DPR A 1 -2.55 -3.84 -2.66
HB2 DPR A 1 -1.96 -6.01 -3.36
HB3 DPR A 1 -0.38 -5.97 -2.53
HG2 DPR A 1 -3.18 -6.15 -1.26
HG3 DPR A 1 -1.76 -7.23 -0.97
HD2 DPR A 1 -0.55 -5.49 0.18
HD3 DPR A 1 -2.22 -5.18 0.73
N MAA A 2 -0.83 -2.72 -4.07
CM MAA A 2 -2.10 -2.64 -4.79
CA MAA A 2 0.14 -1.92 -4.83
CB MAA A 2 0.18 -2.40 -6.28
C MAA A 2 -0.27 -0.47 -4.79
O MAA A 2 -0.41 0.17 -5.83
HM1 MAA A 2 -2.93 -2.58 -4.07
HM2 MAA A 2 -2.11 -1.76 -5.42
HM3 MAA A 2 -2.23 -3.53 -5.41
HA MAA A 2 1.13 -2.03 -4.38
HB1 MAA A 2 1.16 -2.18 -6.71
HB2 MAA A 2 0.00 -3.48 -6.31
HB3 MAA A 2 -0.59 -1.89 -6.85
N ALA A 3 -0.46 0.06 -3.58
CA ALA A 3 -0.86 1.45 -3.41
C ALA A 3 0.19 2.23 -2.61
N DVA A 4 1.42 2.29 -3.14
CA DVA A 4 2.51 3.00 -2.48
CB DVA A 4 3.56 3.40 -3.51
CG1 DVA A 4 4.12 2.15 -4.18
CG2 DVA A 4 2.93 4.30 -4.57
C DVA A 4 3.13 2.11 -1.44
O DVA A 4 3.06 0.88 -1.54
H DVA A 4 1.58 1.85 -4.01
HA DVA A 4 2.11 3.89 -2.00
HB DVA A 4 4.37 3.94 -3.01
HG11 DVA A 4 5.16 2.02 -3.92
HG12 DVA A 4 3.56 1.27 -3.84
HG13 DVA A 4 4.02 2.24 -5.26
HG21 DVA A 4 2.35 3.70 -5.27
HG22 DVA A 4 2.27 5.02 -4.08
HG23 DVA A 4 3.71 4.84 -5.11
N MLE A 5 3.73 2.72 -0.43
CN MLE A 5 3.91 4.15 -0.11
CA MLE A 5 4.38 1.96 0.66
CB MLE A 5 5.84 2.39 0.77
CG MLE A 5 6.73 1.15 0.94
CD1 MLE A 5 6.23 0.33 2.13
CD2 MLE A 5 6.65 0.31 -0.33
C MLE A 5 3.66 2.23 1.96
O MLE A 5 4.29 2.30 3.01
HN1 MLE A 5 3.03 4.69 -0.41
HN2 MLE A 5 4.07 4.26 0.96
HN3 MLE A 5 4.78 4.53 -0.65
HA MLE A 5 4.33 0.89 0.43
HB2 MLE A 5 6.13 2.93 -0.12
HB3 MLE A 5 5.95 3.04 1.65
HG MLE A 5 7.75 1.47 1.11
HD11 MLE A 5 5.26 -0.12 1.90
HD12 MLE A 5 6.95 -0.46 2.34
HD13 MLE A 5 6.14 0.98 3.00
HD21 MLE A 5 6.52 0.96 -1.19
HD22 MLE A 5 7.58 -0.25 -0.45
HD23 MLE A 5 5.81 -0.39 -0.26
N LEU A 6 2.34 2.38 1.88
CA LEU A 6 1.54 2.64 3.07
C LEU A 6 0.28 1.77 3.07
N LEU A 7 -0.15 1.36 4.25
CA LEU A 7 -1.34 0.52 4.39
C LEU A 7 -2.50 1.09 3.56
N PRO A 8 -3.50 0.25 3.31
CA PRO A 8 -3.53 -1.14 3.79
C PRO A 8 -2.50 -2.01 3.09
N DLE A 9 -2.19 -1.65 1.84
CA DLE A 9 -1.21 -2.41 1.05
CB DLE A 9 0.09 -1.61 0.94
CG DLE A 9 1.11 -2.16 1.93
CD1 DLE A 9 2.31 -2.71 1.17
CD2 DLE A 9 1.57 -1.02 2.85
C DLE A 9 -1.77 -2.67 -0.33
O DLE A 9 -2.30 -1.76 -0.97
H DLE A 9 -2.62 -0.87 1.44
HA DLE A 9 -1.01 -3.37 1.54
HB2 DLE A 9 -0.12 -0.56 1.15
HB3 DLE A 9 0.48 -1.71 -0.08
HG DLE A 9 0.66 -2.95 2.53
HD11 DLE A 9 3.16 -2.81 1.86
HD12 DLE A 9 2.06 -3.69 0.76
HD13 DLE A 9 2.58 -2.03 0.36
HD21 DLE A 9 2.51 -1.31 3.33
HD22 DLE A 9 1.72 -0.12 2.27
HD23 DLE A 9 0.81 -0.85 3.62
N DPR A 1 -1.58 -3.90 -0.80
CA DPR A 1 -1.65 -4.24 -2.23
CB DPR A 1 -1.57 -5.78 -2.29
CG DPR A 1 -2.44 -6.12 -1.05
CD DPR A 1 -1.91 -5.10 0.00
C DPR A 1 -0.54 -3.56 -2.98
O DPR A 1 0.64 -3.80 -2.71
HA DPR A 1 -2.62 -3.93 -2.63
HB2 DPR A 1 -2.02 -6.20 -3.19
HB3 DPR A 1 -0.55 -6.16 -2.15
HG2 DPR A 1 -3.50 -5.95 -1.25
HG3 DPR A 1 -2.27 -7.15 -0.71
HD2 DPR A 1 -1.02 -5.49 0.49
HD3 DPR A 1 -2.68 -4.87 0.73
N MAA A 2 -0.90 -2.69 -3.93
CM MAA A 2 -2.23 -2.27 -4.39
CA MAA A 2 0.08 -1.97 -4.73
CB MAA A 2 0.08 -2.52 -6.16
C MAA A 2 -0.28 -0.50 -4.76
O MAA A 2 -0.35 0.10 -5.81
HM1 MAA A 2 -2.91 -3.12 -4.37
HM2 MAA A 2 -2.62 -1.49 -3.74
HM3 MAA A 2 -2.15 -1.89 -5.42
HA MAA A 2 1.08 -2.09 -4.29
HB1 MAA A 2 1.07 -2.38 -6.59
HB2 MAA A 2 -0.17 -3.57 -6.14
HB3 MAA A 2 -0.65 -1.97 -6.76
N ALA A 3 -0.48 0.06 -3.57
CA ALA A 3 -0.83 1.48 -3.46
C ALA A 3 0.19 2.23 -2.61
N DVA A 4 1.41 2.36 -3.13
CA DVA A 4 2.48 3.07 -2.42
CB DVA A 4 3.56 3.50 -3.40
CG1 DVA A 4 4.19 2.26 -4.04
CG2 DVA A 4 2.92 4.37 -4.49
C DVA A 4 3.08 2.14 -1.38
O DVA A 4 2.94 0.92 -1.48
H DVA A 4 1.59 1.99 -4.01
HA DVA A 4 2.07 3.95 -1.92
HB DVA A 4 4.33 4.06 -2.88
HG11 DVA A 4 4.62 1.62 -3.27
HG12 DVA A 4 3.42 1.70 -4.59
HG13 DVA A 4 4.97 2.57 -4.75
HG21 DVA A 4 2.51 3.74 -5.27
HG22 DVA A 4 2.14 4.98 -4.06
HG23 DVA A 4 3.69 5.02 -4.92
N MLE A 5 3.75 2.72 -0.40
CN MLE A 5 4.04 4.14 -0.11
CA MLE A 5 4.38 1.94 0.67
CB MLE A 5 5.85 2.35 0.80
CG MLE A 5 6.65 1.19 1.41
CD1 MLE A 5 7.12 0.26 0.29
CD2 MLE A 5 7.87 1.75 2.14
C MLE A 5 3.67 2.19 1.97
O MLE A 5 4.30 2.24 3.03
HN1 MLE A 5 5.00 4.41 -0.53
HN2 MLE A 5 3.26 4.76 -0.54
HN3 MLE A 5 4.06 4.29 0.97
HA MLE A 5 4.33 0.88 0.42
HB2 MLE A 5 6.26 2.59 -0.18
HB3 MLE A 5 5.93 3.22 1.45
HG MLE A 5 6.03 0.64 2.10
HD11 MLE A 5 6.89 -0.77 0.56
HD12 MLE A 5 6.61 0.51 -0.64
HD13 MLE A 5 8.20 0.36 0.15
HD21 MLE A 5 7.54 2.31 3.02
HD22 MLE A 5 8.50 0.92 2.47
HD23 MLE A 5 8.44 2.40 1.48
N LEU A 6 2.36 2.35 1.90
CA LEU A 6 1.55 2.60 3.08
C LEU A 6 0.29 1.74 3.08
N LEU A 7 -0.17 1.36 4.26
CA LEU A 7 -1.38 0.54 4.39
C LEU A 7 -2.51 1.11 3.54
N PRO A 8 -3.50 0.25 3.23
CA PRO A 8 -3.51 -1.14 3.68
C PRO A 8 -2.44 -1.98 2.99
N DLE A 9 -2.11 -1.61 1.75
CA DLE A 9 -1.11 -2.34 0.98
CB DLE A 9 0.18 -1.50 0.89
CG DLE A 9 1.00 -1.68 2.18
CD1 DLE A 9 1.59 -3.09 2.20
CD2 DLE A 9 2.12 -0.66 2.21
C DLE A 9 -1.62 -2.60 -0.41
O DLE A 9 -1.91 -1.66 -1.16
H DLE A 9 -2.56 -0.83 1.35
HA DLE A 9 -0.89 -3.29 1.47
HB2 DLE A 9 -0.09 -0.44 0.78
HB3 DLE A 9 0.76 -1.82 0.04
HG DLE A 9 0.35 -1.55 3.05
HD11 DLE A 9 2.52 -3.08 2.76
HD12 DLE A 9 0.88 -3.77 2.68
HD13 DLE A 9 1.77 -3.43 1.17
HD21 DLE A 9 3.08 -1.17 2.22
HD22 DLE A 9 2.07 -0.01 1.34
HD23 DLE A 9 2.02 -0.05 3.11
N DPR A 1 -1.10 -3.98 -0.86
CA DPR A 1 -1.36 -4.37 -2.26
CB DPR A 1 -1.13 -5.91 -2.35
CG DPR A 1 -1.03 -6.38 -0.87
CD DPR A 1 -0.44 -5.13 -0.18
C DPR A 1 -0.48 -3.56 -3.18
O DPR A 1 0.72 -3.80 -3.28
HA DPR A 1 -2.41 -4.17 -2.50
HB2 DPR A 1 -1.96 -6.39 -2.85
HB3 DPR A 1 -0.19 -6.11 -2.87
HG2 DPR A 1 -2.01 -6.63 -0.47
HG3 DPR A 1 -0.34 -7.22 -0.78
HD2 DPR A 1 0.64 -5.08 -0.31
HD3 DPR A 1 -0.69 -5.13 0.88
N MAA A 2 -1.08 -2.60 -3.88
CM MAA A 2 -2.48 -2.16 -3.93
CA MAA A 2 -0.34 -1.76 -4.82
CB MAA A 2 -0.72 -2.12 -6.25
C MAA A 2 -0.67 -0.31 -4.57
O MAA A 2 -1.03 0.43 -5.49
HM1 MAA A 2 -2.67 -1.48 -3.10
HM2 MAA A 2 -2.67 -1.64 -4.87
HM3 MAA A 2 -3.13 -3.02 -3.85
HA MAA A 2 0.73 -1.91 -4.68
HB1 MAA A 2 -1.59 -1.54 -6.55
HB2 MAA A 2 0.11 -1.89 -6.92
HB3 MAA A 2 -0.94 -3.18 -6.31
N ALA A 3 -0.56 0.11 -3.31
CA ALA A 3 -0.85 1.48 -2.93
C ALA A 3 0.37 2.15 -2.29
N DVA A 4 1.46 2.21 -3.04
CA DVA A 4 2.70 2.82 -2.54
CB DVA A 4 3.71 2.91 -3.68
CG1 DVA A 4 5.01 3.55 -3.16
CG2 DVA A 4 4.02 1.49 -4.19
C DVA A 4 3.26 1.98 -1.42
O DVA A 4 3.19 0.75 -1.46
H DVA A 4 1.44 1.84 -3.94
HA DVA A 4 2.49 3.83 -2.17
HB DVA A 4 3.31 3.50 -4.50
HG11 DVA A 4 5.72 3.63 -3.98
HG12 DVA A 4 4.78 4.54 -2.79
HG13 DVA A 4 5.43 2.94 -2.37
HG21 DVA A 4 4.44 0.89 -3.38
HG22 DVA A 4 3.11 1.03 -4.55
HG23 DVA A 4 4.76 1.55 -5.00
N MLE A 5 3.83 2.65 -0.42
CN MLE A 5 4.02 4.09 -0.19
CA MLE A 5 4.41 1.95 0.73
CB MLE A 5 5.87 2.39 0.91
CG MLE A 5 6.64 1.28 1.61
CD1 MLE A 5 6.86 0.12 0.64
CD2 MLE A 5 8.01 1.81 2.06
C MLE A 5 3.63 2.29 1.98
O MLE A 5 4.20 2.45 3.05
HN1 MLE A 5 3.15 4.63 -0.53
HN2 MLE A 5 4.16 4.27 0.88
HN3 MLE A 5 4.90 4.43 -0.73
HA MLE A 5 4.37 0.87 0.57
HB2 MLE A 5 6.31 2.58 -0.07
HB3 MLE A 5 5.91 3.29 1.50
HG MLE A 5 6.09 0.93 2.47
HD11 MLE A 5 7.92 -0.02 0.45
HD12 MLE A 5 6.46 -0.81 1.08
HD13 MLE A 5 6.35 0.32 -0.30
HD21 MLE A 5 8.40 1.19 2.86
HD22 MLE A 5 8.70 1.81 1.22
HD23 MLE A 5 7.89 2.83 2.42
N LEU A 6 2.32 2.41 1.83
CA LEU A 6 1.44 2.74 2.95
C LEU A 6 0.20 1.86 2.96
N LEU A 7 -0.25 1.49 4.15
CA LEU A 7 -1.43 0.64 4.29
C LEU A 7 -2.57 1.14 3.40
N PRO A 8 -3.53 0.26 3.11
CA PRO A 8 -3.51 -1.11 3.61
C PRO A 8 -2.41 -1.96 2.96
N DLE A 9 -2.12 -1.66 1.71
CA DLE A 9 -1.09 -2.39 0.96
CB DLE A 9 0.12 -1.47 0.73
CG DLE A 9 1.18 -1.74 1.79
CD1 DLE A 9 1.87 -3.07 1.49
CD2 DLE A 9 2.22 -0.62 1.77
C DLE A 9 -1.64 -2.85 -0.36
O DLE A 9 -2.53 -2.21 -0.92
H DLE A 9 -2.61 -0.94 1.26
HA DLE A 9 -0.77 -3.25 1.54
HB2 DLE A 9 -0.20 -0.43 0.79
HB3 DLE A 9 0.53 -1.66 -0.26
HG DLE A 9 0.71 -1.79 2.77
HD11 DLE A 9 1.71 -3.76 2.32
HD12 DLE A 9 1.46 -3.50 0.57
HD13 DLE A 9 2.95 -2.91 1.36
HD21 DLE A 9 1.98 0.10 2.55
HD22 DLE A 9 3.21 -1.03 1.95
HD23 DLE A 9 2.20 -0.12 0.80
N DPR A 1 -1.11 -4.00 -0.85
CA DPR A 1 -1.39 -4.37 -2.25
CB DPR A 1 -1.18 -5.89 -2.32
CG DPR A 1 0.05 -6.03 -1.38
CD DPR A 1 -0.36 -5.10 -0.21
C DPR A 1 -0.50 -3.58 -3.18
O DPR A 1 0.70 -3.83 -3.27
HA DPR A 1 -2.44 -4.17 -2.47
HB2 DPR A 1 -2.02 -6.46 -1.93
HB3 DPR A 1 -0.92 -6.24 -3.32
HG2 DPR A 1 0.18 -7.06 -1.03
HG3 DPR A 1 0.96 -5.67 -1.86
HD2 DPR A 1 0.52 -4.72 0.30
HD3 DPR A 1 -1.00 -5.63 0.49
N MAA A 2 -1.08 -2.61 -3.87
CM MAA A 2 -2.48 -2.14 -3.90
CA MAA A 2 -0.34 -1.77 -4.81
CB MAA A 2 -0.73 -2.12 -6.24
C MAA A 2 -0.65 -0.32 -4.55
O MAA A 2 -0.99 0.43 -5.47
HM1 MAA A 2 -3.16 -3.00 -3.83
HM2 MAA A 2 -2.66 -1.47 -3.07
HM3 MAA A 2 -2.67 -1.62 -4.85
HA MAA A 2 0.74 -1.94 -4.67
HB1 MAA A 2 0.11 -1.92 -6.91
HB2 MAA A 2 -0.98 -3.19 -6.29
HB3 MAA A 2 -1.59 -1.53 -6.54
N ALA A 3 -0.53 0.09 -3.29
CA ALA A 3 -0.81 1.48 -2.91
C ALA A 3 0.41 2.12 -2.26
N DVA A 4 1.46 2.31 -3.05
CA DVA A 4 2.70 2.92 -2.55
CB DVA A 4 3.71 3.04 -3.69
CG1 DVA A 4 5.01 3.63 -3.16
CG2 DVA A 4 3.98 1.65 -4.27
C DVA A 4 3.27 2.07 -1.45
O DVA A 4 3.20 0.83 -1.50
H DVA A 4 1.41 2.05 -3.99
HA DVA A 4 2.48 3.92 -2.15
HB DVA A 4 3.31 3.68 -4.47
HG11 DVA A 4 5.74 3.70 -3.98
HG12 DVA A 4 4.82 4.62 -2.76
HG13 DVA A 4 5.41 2.99 -2.38
HG21 DVA A 4 4.68 1.73 -5.10
HG22 DVA A 4 4.40 1.01 -3.50
HG23 DVA A 4 3.05 1.22 -4.63
N MLE A 5 3.84 2.71 -0.44
CN MLE A 5 4.03 4.15 -0.17
CA MLE A 5 4.44 1.99 0.69
CB MLE A 5 5.89 2.43 0.87
CG MLE A 5 6.70 1.32 1.54
CD1 MLE A 5 7.19 0.34 0.46
CD2 MLE A 5 7.89 1.91 2.28
C MLE A 5 3.67 2.29 1.95
O MLE A 5 4.24 2.43 3.03
HN1 MLE A 5 4.90 4.50 -0.72
HN2 MLE A 5 3.15 4.69 -0.51
HN3 MLE A 5 4.18 4.31 0.89
HA MLE A 5 4.41 0.92 0.49
HB2 MLE A 5 6.33 2.66 -0.10
HB3 MLE A 5 5.92 3.33 1.50
HG MLE A 5 6.06 0.79 2.24
HD11 MLE A 5 6.77 -0.66 0.66
HD12 MLE A 5 6.87 0.68 -0.52
HD13 MLE A 5 8.28 0.29 0.50
HD21 MLE A 5 7.55 2.73 2.92
HD22 MLE A 5 8.36 1.14 2.89
HD23 MLE A 5 8.61 2.29 1.55
N LEU A 6 2.35 2.40 1.81
CA LEU A 6 1.48 2.69 2.95
C LEU A 6 0.24 1.80 2.93
N LEU A 7 -0.25 1.48 4.12
CA LEU A 7 -1.43 0.63 4.24
C LEU A 7 -2.56 1.13 3.36
N PRO A 8 -3.56 0.27 3.09
CA PRO A 8 -3.57 -1.10 3.63
C PRO A 8 -2.49 -1.98 2.99
N DLE A 9 -2.16 -1.68 1.74
CA DLE A 9 -1.13 -2.45 1.01
CB DLE A 9 0.09 -1.57 0.77
CG DLE A 9 1.05 -1.70 1.95
CD1 DLE A 9 1.70 -3.08 1.93
CD2 DLE A 9 2.14 -0.62 1.85
C DLE A 9 -1.70 -2.89 -0.31
O DLE A 9 -2.63 -2.29 -0.85
H DLE A 9 -2.59 -0.92 1.29
HA DLE A 9 -0.85 -3.31 1.60
HB2 DLE A 9 -0.22 -0.53 0.67
HB3 DLE A 9 0.60 -1.88 -0.15
HG DLE A 9 0.50 -1.57 2.88
HD11 DLE A 9 2.58 -3.08 2.59
HD12 DLE A 9 0.99 -3.82 2.27
HD13 DLE A 9 2.02 -3.31 0.91
HD21 DLE A 9 3.11 -1.09 1.78
HD22 DLE A 9 1.96 -0.01 0.96
HD23 DLE A 9 2.10 0.01 2.74
N DPR A 1 -1.14 -3.84 -0.82
CA DPR A 1 -1.44 -4.08 -2.25
CB DPR A 1 -1.33 -5.64 -2.39
CG DPR A 1 -0.88 -6.21 -1.02
CD DPR A 1 -0.31 -4.95 -0.33
C DPR A 1 -0.48 -3.31 -3.12
O DPR A 1 0.73 -3.38 -2.91
HA DPR A 1 -2.46 -3.77 -2.46
HB2 DPR A 1 -2.31 -6.02 -2.66
HB3 DPR A 1 -0.60 -5.86 -3.16
HG2 DPR A 1 -1.73 -6.61 -0.47
HG3 DPR A 1 -0.11 -6.97 -1.15
HD2 DPR A 1 0.74 -4.81 -0.61
HD3 DPR A 1 -0.39 -5.04 0.76
N MAA A 2 -1.01 -2.58 -4.08
CM MAA A 2 -2.41 -2.36 -4.49
CA MAA A 2 -0.18 -1.78 -5.00
CB MAA A 2 -0.50 -2.17 -6.44
C MAA A 2 -0.46 -0.33 -4.79
O MAA A 2 -0.73 0.41 -5.74
HM1 MAA A 2 -2.74 -3.20 -5.11
HM2 MAA A 2 -3.04 -2.30 -3.61
HM3 MAA A 2 -2.48 -1.43 -5.06
HA MAA A 2 0.87 -1.98 -4.80
HB1 MAA A 2 -0.77 -3.22 -6.49
HB2 MAA A 2 -1.33 -1.56 -6.80
HB3 MAA A 2 0.38 -1.99 -7.07
N ALA A 3 -0.40 0.11 -3.53
CA ALA A 3 -0.65 1.51 -3.20
C ALA A 3 0.56 2.14 -2.52
N DVA A 4 1.65 2.31 -3.27
CA DVA A 4 2.88 2.91 -2.73
CB DVA A 4 3.91 3.02 -3.84
CG1 DVA A 4 5.21 3.61 -3.28
CG2 DVA A 4 4.20 1.63 -4.42
C DVA A 4 3.41 2.03 -1.63
O DVA A 4 3.54 0.81 -1.79
H DVA A 4 1.62 2.04 -4.22
HA DVA A 4 2.66 3.90 -2.33
HB DVA A 4 3.53 3.67 -4.63
HG11 DVA A 4 6.04 2.94 -3.47
HG12 DVA A 4 5.40 4.58 -3.75
HG13 DVA A 4 5.10 3.75 -2.20
HG21 DVA A 4 4.77 1.73 -5.33
HG22 DVA A 4 4.78 1.05 -3.69
HG23 DVA A 4 3.27 1.12 -4.62
N MLE A 5 3.73 2.64 -0.49
CN MLE A 5 3.65 4.05 -0.08
CA MLE A 5 4.25 1.90 0.66
CB MLE A 5 5.74 2.22 0.83
CG MLE A 5 6.59 1.05 0.34
CD1 MLE A 5 6.95 1.27 -1.13
CD2 MLE A 5 7.87 0.96 1.17
C MLE A 5 3.50 2.29 1.91
O MLE A 5 4.10 2.55 2.94
HN1 MLE A 5 3.85 4.69 -0.95
HN2 MLE A 5 2.66 4.27 0.30
HN3 MLE A 5 4.40 4.25 0.69
HA MLE A 5 4.14 0.83 0.49
HB2 MLE A 5 5.98 3.12 0.26
HB3 MLE A 5 5.95 2.40 1.89
HG MLE A 5 6.01 0.13 0.44
HD11 MLE A 5 7.16 2.33 -1.30
HD12 MLE A 5 7.83 0.68 -1.37
HD13 MLE A 5 6.12 0.95 -1.76
HD21 MLE A 5 8.43 0.07 0.87
HD22 MLE A 5 8.48 1.84 1.01
HD23 MLE A 5 7.60 0.88 2.24
N LEU A 6 2.18 2.35 1.79
CA LEU A 6 1.33 2.71 2.92
C LEU A 6 0.12 1.81 3.00
N LEU A 7 -0.28 1.45 4.23
CA LEU A 7 -1.43 0.59 4.45
C LEU A 7 -2.63 1.06 3.63
N PRO A 8 -3.59 0.15 3.42
CA PRO A 8 -3.52 -1.21 3.95
C PRO A 8 -2.46 -2.05 3.24
N DLE A 9 -2.24 -1.76 1.97
CA DLE A 9 -1.24 -2.49 1.17
CB DLE A 9 -0.03 -1.60 0.92
CG DLE A 9 0.99 -1.78 2.04
CD1 DLE A 9 1.65 -3.14 1.92
CD2 DLE A 9 2.05 -0.68 1.95
C DLE A 9 -1.85 -2.91 -0.14
O DLE A 9 -2.88 -2.38 -0.55
H DLE A 9 -2.76 -1.04 1.54
HA DLE A 9 -0.92 -3.38 1.72
HB2 DLE A 9 -0.36 -0.55 0.89
HB3 DLE A 9 0.43 -1.86 -0.03
HG DLE A 9 0.48 -1.71 3.01
HD11 DLE A 9 2.66 -3.11 2.32
HD12 DLE A 9 1.07 -3.88 2.48
HD13 DLE A 9 1.68 -3.44 0.87
HD21 DLE A 9 3.05 -1.14 1.98
HD22 DLE A 9 1.94 -0.13 1.01
HD23 DLE A 9 1.95 0.01 2.79
N DPR A 1 -1.04 -3.89 -0.89
CA DPR A 1 -1.29 -4.18 -2.31
CB DPR A 1 -1.04 -5.70 -2.48
CG DPR A 1 0.19 -5.85 -1.53
CD DPR A 1 -0.25 -5.01 -0.31
C DPR A 1 -0.41 -3.31 -3.18
O DPR A 1 0.82 -3.38 -3.09
HA DPR A 1 -2.34 -4.00 -2.54
HB2 DPR A 1 -1.87 -6.30 -2.13
HB3 DPR A 1 -0.77 -5.96 -3.50
HG2 DPR A 1 0.33 -6.89 -1.25
HG3 DPR A 1 1.09 -5.44 -1.99
HD2 DPR A 1 0.61 -4.63 0.23
HD3 DPR A 1 -0.88 -5.61 0.35
N MAA A 2 -1.03 -2.49 -4.01
CM MAA A 2 -2.47 -2.25 -4.26
CA MAA A 2 -0.29 -1.59 -4.90
CB MAA A 2 -0.75 -1.82 -6.34
C MAA A 2 -0.56 -0.16 -4.51
O MAA A 2 -0.70 0.71 -5.37
HM1 MAA A 2 -2.59 -1.25 -4.68
HM2 MAA A 2 -2.84 -2.99 -4.95
HM3 MAA A 2 -3.02 -2.32 -3.32
HA MAA A 2 0.77 -1.80 -4.82
HB1 MAA A 2 0.03 -1.48 -7.03
HB2 MAA A 2 -0.93 -2.89 -6.51
HB3 MAA A 2 -1.67 -1.26 -6.53
N ALA A 3 -0.63 0.10 -3.21
CA ALA A 3 -0.88 1.44 -2.71
C ALA A 3 0.41 2.10 -2.23
N DVA A 4 1.47 1.95 -3.01
CA DVA A 4 2.78 2.53 -2.67
CB DVA A 4 3.73 2.38 -3.85
CG1 DVA A 4 3.08 2.95 -5.11
CG2 DVA A 4 5.03 3.14 -3.56
C DVA A 4 3.34 1.81 -1.47
O DVA A 4 3.37 0.58 -1.43
H DVA A 4 1.38 1.44 -3.85
HA DVA A 4 2.65 3.58 -2.43
HB DVA A 4 3.95 1.33 -4.01
HG11 DVA A 4 2.54 3.87 -4.85
HG12 DVA A 4 3.85 3.18 -5.85
HG13 DVA A 4 2.39 2.22 -5.53
HG21 DVA A 4 5.75 2.45 -3.13
HG22 DVA A 4 5.43 3.55 -4.49
HG23 DVA A 4 4.82 3.95 -2.87
N MLE A 5 3.81 2.58 -0.49
CN MLE A 5 3.88 4.04 -0.34
CA MLE A 5 4.39 2.01 0.72
CB MLE A 5 5.82 2.52 0.90
CG MLE A 5 6.59 2.35 -0.41
CD1 MLE A 5 8.00 2.89 -0.25
CD2 MLE A 5 6.65 0.87 -0.78
C MLE A 5 3.56 2.42 1.92
O MLE A 5 4.09 2.70 3.00
HN1 MLE A 5 4.01 4.30 0.70
HN2 MLE A 5 4.71 4.42 -0.92
HN3 MLE A 5 2.95 4.48 -0.71
HA MLE A 5 4.40 0.92 0.65
HB2 MLE A 5 5.79 3.57 1.18
HB3 MLE A 5 6.32 1.95 1.69
HG MLE A 5 6.07 2.90 -1.21
HD11 MLE A 5 8.68 2.37 -0.92
HD12 MLE A 5 8.02 3.96 -0.49
HD13 MLE A 5 8.33 2.75 0.78
HD21 MLE A 5 6.74 0.27 0.12
HD22 MLE A 5 5.72 0.59 -1.30
HD23 MLE A 5 7.50 0.69 -1.43
N LEU A 6 2.25 2.45 1.73
CA LEU A 6 1.32 2.83 2.80
C LEU A 6 0.13 1.89 2.86
N LEU A 7 -0.29 1.55 4.07
CA LEU A 7 -1.43 0.65 4.26
C LEU A 7 -2.62 1.09 3.41
N PRO A 8 -3.57 0.18 3.20
CA PRO A 8 -3.49 -1.19 3.75
C PRO A 8 -2.40 -2.03 3.07
N DLE A 9 -2.14 -1.72 1.81
CA DLE A 9 -1.11 -2.45 1.04
CB DLE A 9 0.10 -1.54 0.82
CG DLE A 9 1.06 -1.68 2.00
CD1 DLE A 9 1.74 -3.05 1.95
CD2 DLE A 9 2.12 -0.58 1.93
C DLE A 9 -1.68 -2.86 -0.29
O DLE A 9 -2.65 -2.28 -0.77
H DLE A 9 -2.63 -1.00 1.37
HA DLE A 9 -0.81 -3.33 1.60
HB2 DLE A 9 -0.24 -0.50 0.74
HB3 DLE A 9 0.61 -1.83 -0.10
HG DLE A 9 0.51 -1.58 2.93
HD11 DLE A 9 2.59 -3.06 2.64
HD12 DLE A 9 1.03 -3.82 2.23
HD13 DLE A 9 2.09 -3.24 0.93
HD21 DLE A 9 2.07 0.03 2.82
HD22 DLE A 9 3.11 -1.03 1.85
HD23 DLE A 9 1.93 0.05 1.05
N DPR A 1 -1.08 -3.70 -0.67
CA DPR A 1 -1.48 -3.88 -2.07
CB DPR A 1 -1.57 -5.41 -2.26
CG DPR A 1 -0.30 -5.82 -1.47
CD DPR A 1 -0.43 -4.94 -0.20
C DPR A 1 -0.50 -3.18 -2.97
O DPR A 1 0.71 -3.24 -2.75
HA DPR A 1 -2.48 -3.47 -2.22
HB2 DPR A 1 -2.46 -5.84 -1.80
HB3 DPR A 1 -1.49 -5.71 -3.30
HG2 DPR A 1 -0.32 -6.88 -1.21
HG3 DPR A 1 0.60 -5.57 -2.03
HD2 DPR A 1 0.57 -4.72 0.21
HD3 DPR A 1 -1.04 -5.43 0.55
N MAA A 2 -1.01 -2.53 -4.01
CM MAA A 2 -2.40 -2.35 -4.46
CA MAA A 2 -0.16 -1.82 -4.97
CB MAA A 2 -0.47 -2.31 -6.40
C MAA A 2 -0.43 -0.34 -4.88
O MAA A 2 -0.58 0.33 -5.89
HM1 MAA A 2 -2.71 -3.22 -5.04
HM2 MAA A 2 -3.05 -2.23 -3.59
HM3 MAA A 2 -2.46 -1.46 -5.09
HA MAA A 2 0.89 -2.02 -4.75
HB1 MAA A 2 0.40 -2.14 -7.02
HB2 MAA A 2 -0.71 -3.37 -6.37
HB3 MAA A 2 -1.32 -1.75 -6.79
N ALA A 3 -0.47 0.18 -3.65
CA ALA A 3 -0.72 1.59 -3.42
C ALA A 3 0.43 2.23 -2.66
N DVA A 4 1.59 2.34 -3.31
CA DVA A 4 2.77 2.93 -2.69
CB DVA A 4 3.84 3.17 -3.75
CG1 DVA A 4 5.08 3.81 -3.10
CG2 DVA A 4 4.23 1.84 -4.39
C DVA A 4 3.31 2.00 -1.63
O DVA A 4 3.37 0.79 -1.84
H DVA A 4 1.65 2.01 -4.23
HA DVA A 4 2.50 3.88 -2.23
HB DVA A 4 3.45 3.85 -4.51
HG11 DVA A 4 4.82 4.78 -2.70
HG12 DVA A 4 5.42 3.16 -2.29
HG13 DVA A 4 5.87 3.91 -3.84
HG21 DVA A 4 4.23 1.95 -5.48
HG22 DVA A 4 5.23 1.55 -4.06
HG23 DVA A 4 3.51 1.07 -4.10
N MLE A 5 3.71 2.56 -0.50
CN MLE A 5 3.72 3.96 -0.05
CA MLE A 5 4.25 1.76 0.61
CB MLE A 5 5.74 2.06 0.78
CG MLE A 5 6.50 0.77 1.05
CD1 MLE A 5 7.99 1.01 0.89
CD2 MLE A 5 6.21 0.30 2.48
C MLE A 5 3.52 2.10 1.88
O MLE A 5 4.14 2.26 2.94
HN1 MLE A 5 2.74 4.24 0.32
HN2 MLE A 5 4.46 4.08 0.74
HN3 MLE A 5 3.98 4.60 -0.89
HA MLE A 5 4.12 0.70 0.39
HB2 MLE A 5 6.12 2.52 -0.14
HB3 MLE A 5 5.88 2.75 1.61
HG MLE A 5 6.17 0.00 0.35
HD11 MLE A 5 8.52 0.05 0.82
HD12 MLE A 5 8.18 1.60 -0.01
HD13 MLE A 5 8.37 1.55 1.77
HD21 MLE A 5 6.89 -0.50 2.75
HD22 MLE A 5 6.34 1.14 3.17
HD23 MLE A 5 5.18 -0.06 2.54
N LEU A 6 2.20 2.21 1.79
CA LEU A 6 1.38 2.54 2.95
C LEU A 6 0.12 1.68 2.99
N LEU A 7 -0.31 1.35 4.20
CA LEU A 7 -1.51 0.52 4.37
C LEU A 7 -2.65 1.00 3.49
N PRO A 8 -3.65 0.14 3.27
CA PRO A 8 -3.67 -1.20 3.87
C PRO A 8 -2.62 -2.12 3.25
N DLE A 9 -2.05 -1.69 2.13
CA DLE A 9 -1.03 -2.48 1.43
CB DLE A 9 0.34 -1.83 1.64
CG DLE A 9 0.79 -2.05 3.09
CD1 DLE A 9 1.53 -3.39 3.20
CD2 DLE A 9 1.73 -0.92 3.51
C DLE A 9 -1.33 -2.53 -0.04
O DLE A 9 -1.75 -1.53 -0.62
H DLE A 9 -2.32 -0.83 1.75
HA DLE A 9 -1.02 -3.50 1.83
HB2 DLE A 9 0.28 -0.77 1.44
HB3 DLE A 9 1.07 -2.29 0.97
HG DLE A 9 -0.09 -2.06 3.74
HD11 DLE A 9 2.56 -3.26 2.90
HD12 DLE A 9 1.48 -3.74 4.24
HD13 DLE A 9 1.04 -4.12 2.56
HD21 DLE A 9 1.35 -0.45 4.42
HD22 DLE A 9 2.72 -1.32 3.70
HD23 DLE A 9 1.78 -0.18 2.72
N DPR A 1 -1.25 -3.84 -0.80
CA DPR A 1 -1.39 -4.00 -2.26
CB DPR A 1 -1.33 -5.53 -2.52
CG DPR A 1 -0.24 -5.90 -1.48
CD DPR A 1 -0.67 -5.08 -0.24
C DPR A 1 -0.32 -3.22 -2.97
O DPR A 1 0.82 -3.16 -2.52
HA DPR A 1 -2.38 -3.65 -2.57
HB2 DPR A 1 -2.28 -6.03 -2.28
HB3 DPR A 1 -1.01 -5.77 -3.52
HG2 DPR A 1 -0.25 -6.98 -1.26
HG3 DPR A 1 0.74 -5.59 -1.83
HD2 DPR A 1 0.18 -4.85 0.39
HD3 DPR A 1 -1.43 -5.62 0.33
N MAA A 2 -0.68 -2.61 -4.10
CM MAA A 2 -1.97 -2.55 -4.81
CA MAA A 2 0.27 -1.82 -4.88
CB MAA A 2 0.29 -2.31 -6.33
C MAA A 2 -0.14 -0.37 -4.85
O MAA A 2 -0.06 0.34 -5.86
HM1 MAA A 2 -2.07 -3.44 -5.43
HM2 MAA A 2 -2.78 -2.51 -4.08
HM3 MAA A 2 -2.00 -1.66 -5.43
HA MAA A 2 1.27 -1.92 -4.46
HB1 MAA A 2 0.05 -3.38 -6.35
HB2 MAA A 2 -0.47 -1.77 -6.91
HB3 MAA A 2 1.26 -2.14 -6.76
N ALA A 3 -0.57 0.10 -3.69
CA ALA A 3 -1.00 1.48 -3.53
C ALA A 3 0.04 2.28 -2.73
N DVA A 4 1.29 2.19 -3.14
CA DVA A 4 2.38 2.90 -2.47
CB DVA A 4 3.43 3.32 -3.50
CG1 DVA A 4 4.03 2.07 -4.15
CG2 DVA A 4 2.79 4.19 -4.57
C DVA A 4 3.01 2.01 -1.44
O DVA A 4 2.88 0.79 -1.49
H DVA A 4 1.50 1.61 -3.92
HA DVA A 4 1.98 3.79 -1.98
HB DVA A 4 4.22 3.87 -3.01
HG11 DVA A 4 4.08 2.21 -5.23
HG12 DVA A 4 5.04 1.90 -3.76
HG13 DVA A 4 3.41 1.20 -3.92
HG21 DVA A 4 3.56 4.58 -5.23
HG22 DVA A 4 2.08 3.59 -5.15
HG23 DVA A 4 2.26 5.01 -4.10
N MLE A 5 3.70 2.61 -0.47
CN MLE A 5 3.97 4.03 -0.22
CA MLE A 5 4.36 1.85 0.59
CB MLE A 5 5.83 2.28 0.68
CG MLE A 5 6.65 1.14 1.29
CD1 MLE A 5 7.38 0.38 0.17
CD2 MLE A 5 7.68 1.71 2.27
C MLE A 5 3.67 2.13 1.91
O MLE A 5 4.32 2.20 2.96
HN1 MLE A 5 4.05 4.20 0.86
HN2 MLE A 5 4.91 4.31 -0.69
HN3 MLE A 5 3.17 4.64 -0.62
HA MLE A 5 4.31 0.78 0.37
HB2 MLE A 5 6.20 2.51 -0.31
HB3 MLE A 5 5.91 3.16 1.32
HG MLE A 5 5.99 0.45 1.82
HD11 MLE A 5 6.71 -0.38 -0.24
HD12 MLE A 5 7.66 1.08 -0.62
HD13 MLE A 5 8.27 -0.09 0.57
HD21 MLE A 5 7.96 2.71 1.95
HD22 MLE A 5 7.25 1.75 3.26
HD23 MLE A 5 8.56 1.07 2.28
N LEU A 6 2.35 2.28 1.86
CA LEU A 6 1.57 2.55 3.05
C LEU A 6 0.31 1.70 3.08
N LEU A 7 -0.18 1.39 4.28
CA LEU A 7 -1.37 0.59 4.44
C LEU A 7 -2.52 1.13 3.59
N PRO A 8 -3.54 0.29 3.35
CA PRO A 8 -3.56 -1.08 3.86
C PRO A 8 -2.54 -1.98 3.19
N DLE A 9 -2.22 -1.67 1.93
CA DLE A 9 -1.25 -2.46 1.17
CB DLE A 9 0.04 -1.64 1.01
CG DLE A 9 0.88 -1.75 2.28
CD1 DLE A 9 1.46 -3.17 2.38
CD2 DLE A 9 2.01 -0.74 2.23
C DLE A 9 -1.82 -2.78 -0.19
O DLE A 9 -2.68 -2.07 -0.70
H DLE A 9 -2.66 -0.91 1.51
HA DLE A 9 -1.04 -3.38 1.70
HB2 DLE A 9 -0.21 -0.60 0.82
HB3 DLE A 9 0.61 -2.03 0.16
HG DLE A 9 0.25 -1.56 3.14
HD11 DLE A 9 0.69 -3.86 2.72
HD12 DLE A 9 1.83 -3.49 1.40
HD13 DLE A 9 2.28 -3.16 3.10
HD21 DLE A 9 1.89 -0.09 1.37
HD22 DLE A 9 2.00 -0.13 3.14
HD23 DLE A 9 2.97 -1.26 2.16
N DPR A 1 -1.03 -3.68 -0.65
CA DPR A 1 -1.49 -3.85 -2.03
CB DPR A 1 -1.52 -5.43 -2.17
CG DPR A 1 -0.84 -6.05 -0.92
CD DPR A 1 -0.16 -4.81 -0.29
C DPR A 1 -0.53 -3.17 -2.98
O DPR A 1 0.68 -3.26 -2.83
HA DPR A 1 -2.49 -3.44 -2.15
HB2 DPR A 1 -2.56 -5.74 -2.23
HB3 DPR A 1 -0.98 -5.69 -3.07
HG2 DPR A 1 -1.58 -6.48 -0.25
HG3 DPR A 1 -0.10 -6.79 -1.21
HD2 DPR A 1 0.84 -4.68 -0.70
HD3 DPR A 1 -0.10 -4.92 0.80
N MAA A 2 -1.08 -2.50 -3.98
CM MAA A 2 -2.49 -2.26 -4.35
CA MAA A 2 -0.26 -1.78 -4.97
CB MAA A 2 -0.66 -2.23 -6.38
C MAA A 2 -0.48 -0.30 -4.84
O MAA A 2 -0.69 0.40 -5.84
HM1 MAA A 2 -3.08 -2.13 -3.45
HM2 MAA A 2 -2.56 -1.36 -4.96
HM3 MAA A 2 -2.86 -3.12 -4.91
HA MAA A 2 0.79 -2.01 -4.80
HB1 MAA A 2 -1.51 -1.65 -6.73
HB2 MAA A 2 0.18 -2.09 -7.06
HB3 MAA A 2 -0.93 -3.29 -6.36
N ALA A 3 -0.47 0.19 -3.60
CA ALA A 3 -0.67 1.61 -3.34
C ALA A 3 0.53 2.22 -2.63
N DVA A 4 1.66 2.31 -3.32
CA DVA A 4 2.89 2.87 -2.75
CB DVA A 4 3.95 3.00 -3.83
CG1 DVA A 4 4.18 1.64 -4.50
CG2 DVA A 4 3.48 4.00 -4.88
C DVA A 4 3.39 1.95 -1.65
O DVA A 4 3.47 0.74 -1.84
H DVA A 4 1.67 1.99 -4.25
HA DVA A 4 2.67 3.84 -2.32
HB DVA A 4 4.89 3.35 -3.39
HG11 DVA A 4 4.07 1.73 -5.57
HG12 DVA A 4 5.19 1.29 -4.26
HG13 DVA A 4 3.46 0.92 -4.11
HG21 DVA A 4 3.80 5.00 -4.60
HG22 DVA A 4 3.92 3.75 -5.85
HG23 DVA A 4 2.39 3.97 -4.96
N MLE A 5 3.72 2.53 -0.51
CN MLE A 5 3.70 3.94 -0.08
CA MLE A 5 4.22 1.75 0.63
CB MLE A 5 5.71 2.04 0.83
CG MLE A 5 6.53 0.82 0.39
CD1 MLE A 5 7.97 1.26 0.11
CD2 MLE A 5 6.52 -0.22 1.50
C MLE A 5 3.47 2.14 1.87
O MLE A 5 4.06 2.35 2.93
HN1 MLE A 5 4.44 4.09 0.70
HN2 MLE A 5 3.91 4.58 -0.94
HN3 MLE A 5 2.71 4.18 0.32
HA MLE A 5 4.09 0.68 0.44
HB2 MLE A 5 6.00 2.90 0.23
HB3 MLE A 5 5.91 2.25 1.88
HG MLE A 5 6.10 0.40 -0.51
HD11 MLE A 5 8.49 1.44 1.04
HD12 MLE A 5 8.48 0.47 -0.45
HD13 MLE A 5 7.96 2.17 -0.48
HD21 MLE A 5 6.43 0.28 2.47
HD22 MLE A 5 5.69 -0.90 1.35
HD23 MLE A 5 7.46 -0.78 1.49
N LEU A 6 2.15 2.23 1.76
CA LEU A 6 1.30 2.58 2.88
C LEU A 6 0.07 1.69 2.94
N LEU A 7 -0.36 1.36 4.16
CA LEU A 7 -1.53 0.52 4.36
C LEU A 7 -2.68 0.97 3.47
N PRO A 8 -3.67 0.09 3.28
CA PRO A 8 -3.66 -1.25 3.87
C PRO A 8 -2.60 -2.15 3.25
N DLE A 9 -2.02 -1.71 2.15
CA DLE A 9 -0.98 -2.48 1.45
CB DLE A 9 0.39 -1.83 1.69
CG DLE A 9 1.12 -2.60 2.79
CD1 DLE A 9 2.59 -2.78 2.38
CD2 DLE A 9 1.06 -1.83 4.10
C DLE A 9 -1.27 -2.50 -0.02
O DLE A 9 -1.65 -1.48 -0.60
H DLE A 9 -2.29 -0.84 1.78
HA DLE A 9 -0.97 -3.50 1.83
HB2 DLE A 9 0.25 -0.80 2.01
HB3 DLE A 9 0.97 -1.85 0.78
HG DLE A 9 0.66 -3.58 2.92
HD11 DLE A 9 2.83 -2.08 1.58
HD12 DLE A 9 3.23 -2.59 3.23
HD13 DLE A 9 2.75 -3.80 2.03
HD21 DLE A 9 1.14 -0.76 3.90
HD22 DLE A 9 0.10 -2.03 4.60
HD23 DLE A 9 1.88 -2.13 4.75
N DPR A 1 -1.20 -3.83 -0.80
CA DPR A 1 -1.36 -3.99 -2.25
CB DPR A 1 -1.30 -5.51 -2.50
CG DPR A 1 -0.19 -5.88 -1.49
CD DPR A 1 -0.61 -5.06 -0.24
C DPR A 1 -0.29 -3.20 -2.98
O DPR A 1 0.85 -3.14 -2.52
HA DPR A 1 -2.35 -3.64 -2.56
HB2 DPR A 1 -2.23 -6.02 -2.24
HB3 DPR A 1 -1.00 -5.77 -3.52
HG2 DPR A 1 -0.19 -6.95 -1.27
HG3 DPR A 1 0.79 -5.56 -1.86
HD2 DPR A 1 0.26 -4.81 0.37
HD3 DPR A 1 -1.35 -5.60 0.35
N MAA A 2 -0.66 -2.60 -4.10
CM MAA A 2 -1.96 -2.55 -4.80
CA MAA A 2 0.28 -1.81 -4.90
CB MAA A 2 0.29 -2.32 -6.34
C MAA A 2 -0.13 -0.36 -4.87
O MAA A 2 -0.05 0.33 -5.88
HM1 MAA A 2 -1.99 -1.66 -5.44
HM2 MAA A 2 -2.06 -3.45 -5.42
HM3 MAA A 2 -2.76 -2.51 -4.08
HA MAA A 2 1.28 -1.91 -4.48
HB1 MAA A 2 1.24 -2.08 -6.81
HB2 MAA A 2 0.14 -3.39 -6.35
HB3 MAA A 2 -0.53 -1.84 -6.90
N ALA A 3 -0.59 0.10 -3.72
CA ALA A 3 -1.02 1.48 -3.56
C ALA A 3 0.00 2.28 -2.76
N DVA A 4 1.27 2.18 -3.14
CA DVA A 4 2.35 2.89 -2.45
CB DVA A 4 3.40 3.34 -3.47
CG1 DVA A 4 3.98 2.10 -4.18
CG2 DVA A 4 2.75 4.26 -4.51
C DVA A 4 2.98 1.99 -1.43
O DVA A 4 2.86 0.77 -1.50
H DVA A 4 1.49 1.60 -3.89
HA DVA A 4 1.94 3.78 -1.96
HB DVA A 4 4.20 3.87 -2.96
HG11 DVA A 4 3.42 1.22 -3.86
HG12 DVA A 4 3.87 2.22 -5.26
HG13 DVA A 4 5.02 2.00 -3.92
HG21 DVA A 4 3.52 4.87 -4.99
HG22 DVA A 4 2.25 3.66 -5.26
HG23 DVA A 4 2.03 4.91 -4.01
N MLE A 5 3.68 2.59 -0.47
CN MLE A 5 3.96 4.01 -0.21
CA MLE A 5 4.36 1.83 0.59
CB MLE A 5 5.82 2.24 0.67
CG MLE A 5 6.66 1.08 1.17
CD1 MLE A 5 6.86 0.06 0.04
CD2 MLE A 5 8.02 1.58 1.64
C MLE A 5 3.68 2.09 1.91
O MLE A 5 4.33 2.15 2.95
HN1 MLE A 5 3.17 4.63 -0.63
HN2 MLE A 5 4.00 4.18 0.87
HN3 MLE A 5 4.91 4.28 -0.66
HA MLE A 5 4.29 0.76 0.36
HB2 MLE A 5 6.17 2.54 -0.32
HB3 MLE A 5 5.92 3.09 1.36
HG MLE A 5 6.14 0.59 2.01
HD11 MLE A 5 5.92 -0.47 -0.14
HD12 MLE A 5 7.16 0.58 -0.87
HD13 MLE A 5 7.63 -0.65 0.32
HD21 MLE A 5 8.66 1.76 0.79
HD22 MLE A 5 7.89 2.52 2.19
HD23 MLE A 5 8.48 0.84 2.30
N LEU A 6 2.36 2.26 1.87
CA LEU A 6 1.58 2.52 3.07
C LEU A 6 0.31 1.70 3.10
N LEU A 7 -0.17 1.38 4.29
CA LEU A 7 -1.38 0.60 4.46
C LEU A 7 -2.51 1.15 3.60
N PRO A 8 -3.53 0.31 3.34
CA PRO A 8 -3.57 -1.06 3.86
C PRO A 8 -2.54 -1.95 3.19
N DLE A 9 -2.23 -1.66 1.93
CA DLE A 9 -1.24 -2.45 1.17
CB DLE A 9 0.05 -1.64 1.02
CG DLE A 9 0.88 -1.76 2.29
CD1 DLE A 9 1.47 -3.17 2.38
CD2 DLE A 9 2.02 -0.73 2.24
C DLE A 9 -1.80 -2.78 -0.18
O DLE A 9 -2.69 -2.09 -0.68
H DLE A 9 -2.65 -0.90 1.50
HA DLE A 9 -1.02 -3.38 1.71
HB2 DLE A 9 -0.20 -0.59 0.84
HB3 DLE A 9 0.62 -2.03 0.16
HG DLE A 9 0.26 -1.56 3.16
HD11 DLE A 9 1.86 -3.46 1.42
HD12 DLE A 9 2.27 -3.18 3.12
HD13 DLE A 9 0.68 -3.86 2.70
HD21 DLE A 9 2.98 -1.26 2.17
HD22 DLE A 9 1.90 -0.09 1.37
HD23 DLE A 9 2.01 -0.14 3.15
N DPR A 1 -0.77 -3.85 -0.89
CA DPR A 1 -1.07 -4.24 -2.29
CB DPR A 1 -0.60 -5.73 -2.38
CG DPR A 1 -0.07 -6.15 -0.99
CD DPR A 1 0.26 -4.77 -0.36
C DPR A 1 -0.35 -3.30 -3.24
O DPR A 1 0.87 -3.30 -3.31
HA DPR A 1 -2.15 -4.20 -2.46
HB2 DPR A 1 -1.46 -6.34 -2.67
HB3 DPR A 1 0.19 -5.81 -3.14
HG2 DPR A 1 -0.85 -6.66 -0.42
HG3 DPR A 1 0.82 -6.76 -1.08
HD2 DPR A 1 1.25 -4.44 -0.67
HD3 DPR A 1 0.20 -4.82 0.72
N MAA A 2 -1.12 -2.51 -3.97
CM MAA A 2 -2.59 -2.36 -4.04
CA MAA A 2 -0.55 -1.56 -4.94
CB MAA A 2 -1.17 -1.80 -6.31
C MAA A 2 -0.85 -0.15 -4.49
O MAA A 2 -1.24 0.70 -5.29
HM1 MAA A 2 -3.02 -2.52 -3.05
HM2 MAA A 2 -2.83 -1.36 -4.39
HM3 MAA A 2 -3.00 -3.10 -4.73
HA MAA A 2 0.52 -1.71 -4.99
HB1 MAA A 2 -2.10 -1.24 -6.39
HB2 MAA A 2 -0.48 -1.46 -7.09
HB3 MAA A 2 -1.37 -2.86 -6.44
N ALA A 3 -0.67 0.10 -3.20
CA ALA A 3 -0.91 1.43 -2.63
C ALA A 3 0.38 2.06 -2.15
N DVA A 4 1.43 1.94 -2.95
CA DVA A 4 2.74 2.52 -2.60
CB DVA A 4 3.69 2.37 -3.79
CG1 DVA A 4 3.04 2.97 -5.04
CG2 DVA A 4 4.99 3.12 -3.50
C DVA A 4 3.31 1.78 -1.42
O DVA A 4 3.27 0.56 -1.36
H DVA A 4 1.34 1.46 -3.80
HA DVA A 4 2.62 3.57 -2.35
HB DVA A 4 3.90 1.32 -3.97
HG11 DVA A 4 3.80 3.15 -5.80
HG12 DVA A 4 2.30 2.28 -5.43
HG13 DVA A 4 2.56 3.92 -4.78
HG21 DVA A 4 5.66 2.46 -2.94
HG22 DVA A 4 5.46 3.43 -4.43
HG23 DVA A 4 4.78 4.00 -2.89
N MLE A 5 3.83 2.54 -0.46
CN MLE A 5 3.98 4.00 -0.33
CA MLE A 5 4.42 1.95 0.75
CB MLE A 5 5.86 2.46 0.92
CG MLE A 5 6.65 1.46 1.78
CD1 MLE A 5 7.08 0.28 0.92
CD2 MLE A 5 7.88 2.17 2.35
C MLE A 5 3.60 2.34 1.95
O MLE A 5 4.14 2.58 3.03
HN1 MLE A 5 4.84 4.33 -0.90
HN2 MLE A 5 3.09 4.48 -0.71
HN3 MLE A 5 4.11 4.26 0.72
HA MLE A 5 4.43 0.86 0.66
HB2 MLE A 5 6.32 2.54 -0.06
HB3 MLE A 5 5.84 3.43 1.41
HG MLE A 5 6.02 1.11 2.59
HD11 MLE A 5 7.60 0.64 0.04
HD12 MLE A 5 7.75 -0.37 1.50
HD13 MLE A 5 6.20 -0.29 0.61
HD21 MLE A 5 7.73 2.35 3.42
HD22 MLE A 5 8.75 1.53 2.22
HD23 MLE A 5 8.04 3.11 1.83
N LEU A 6 2.28 2.42 1.76
CA LEU A 6 1.38 2.79 2.85
C LEU A 6 0.15 1.89 2.86
N LEU A 7 -0.32 1.58 4.07
CA LEU A 7 -1.49 0.72 4.22
C LEU A 7 -2.61 1.16 3.29
N PRO A 8 -3.57 0.24 3.04
CA PRO A 8 -3.53 -1.11 3.61
C PRO A 8 -2.42 -1.96 3.02
N DLE A 9 -2.10 -1.71 1.75
CA DLE A 9 -1.04 -2.46 1.07
CB DLE A 9 0.17 -1.56 0.85
CG DLE A 9 1.12 -1.70 2.04
CD1 DLE A 9 1.79 -3.07 2.00
CD2 DLE A 9 2.19 -0.60 1.97
C DLE A 9 -1.56 -2.95 -0.27
O DLE A 9 -2.63 -2.53 -0.72
H DLE A 9 -2.59 -1.01 1.26
HA DLE A 9 -0.75 -3.33 1.67
HB2 DLE A 9 -0.17 -0.52 0.77
HB3 DLE A 9 0.68 -1.85 -0.06
HG DLE A 9 0.56 -1.59 2.97
HD11 DLE A 9 1.09 -3.83 2.32
HD12 DLE A 9 2.12 -3.28 0.98
HD13 DLE A 9 2.66 -3.07 2.66
HD21 DLE A 9 2.12 0.03 2.86
HD22 DLE A 9 3.17 -1.06 1.93
HD23 DLE A 9 2.03 0.01 1.08
N DPR A 1 -1.13 -3.73 -0.63
CA DPR A 1 -1.66 -3.87 -2.00
CB DPR A 1 -1.85 -5.44 -2.14
CG DPR A 1 -1.25 -6.11 -0.87
CD DPR A 1 -0.40 -4.96 -0.28
C DPR A 1 -0.70 -3.28 -3.00
O DPR A 1 0.48 -3.62 -3.00
HA DPR A 1 -2.63 -3.38 -2.07
HB2 DPR A 1 -2.92 -5.63 -2.22
HB3 DPR A 1 -1.33 -5.76 -3.03
HG2 DPR A 1 -2.04 -6.42 -0.19
HG3 DPR A 1 -0.62 -6.96 -1.15
HD2 DPR A 1 0.59 -4.96 -0.72
HD3 DPR A 1 -0.33 -5.06 0.81
N MAA A 2 -1.20 -2.39 -3.84
CM MAA A 2 -2.56 -1.85 -3.99
CA MAA A 2 -0.37 -1.73 -4.85
CB MAA A 2 -0.77 -2.24 -6.25
C MAA A 2 -0.57 -0.24 -4.80
O MAA A 2 -0.75 0.41 -5.81
HM1 MAA A 2 -3.28 -2.63 -3.80
HM2 MAA A 2 -2.71 -1.02 -3.29
HM3 MAA A 2 -2.69 -1.48 -5.01
HA MAA A 2 0.67 -1.96 -4.67
HB1 MAA A 2 0.11 -2.24 -6.89
HB2 MAA A 2 -1.17 -3.26 -6.16
HB3 MAA A 2 -1.53 -1.59 -6.67
N ALA A 3 -0.54 0.31 -3.58
CA ALA A 3 -0.72 1.73 -3.38
C ALA A 3 0.48 2.35 -2.66
N DVA A 4 1.68 2.08 -3.19
CA DVA A 4 2.90 2.61 -2.58
CB DVA A 4 4.03 2.59 -3.63
CG1 DVA A 4 5.28 3.23 -3.04
CG2 DVA A 4 4.33 1.15 -4.03
C DVA A 4 3.30 1.77 -1.41
O DVA A 4 3.14 0.54 -1.43
H DVA A 4 1.74 1.54 -3.99
HA DVA A 4 2.74 3.64 -2.26
HB DVA A 4 3.71 3.16 -4.51
HG11 DVA A 4 5.66 2.61 -2.23
HG12 DVA A 4 6.05 3.32 -3.82
HG13 DVA A 4 5.05 4.22 -2.65
HG21 DVA A 4 5.07 0.74 -3.35
HG22 DVA A 4 3.41 0.56 -3.97
HG23 DVA A 4 4.71 1.13 -5.05
N MLE A 5 3.82 2.41 -0.37
CN MLE A 5 4.10 3.82 -0.13
CA MLE A 5 4.25 1.68 0.84
CB MLE A 5 5.69 2.04 1.16
CG MLE A 5 6.33 0.90 1.96
CD1 MLE A 5 6.78 -0.21 1.01
CD2 MLE A 5 7.55 1.43 2.73
C MLE A 5 3.36 2.09 2.00
O MLE A 5 3.80 2.11 3.14
HN1 MLE A 5 3.29 4.43 -0.57
HN2 MLE A 5 4.15 4.01 0.94
HN3 MLE A 5 5.04 4.10 -0.60
HA MLE A 5 4.15 0.62 0.68
HB2 MLE A 5 6.24 2.17 0.22
HB3 MLE A 5 5.73 2.96 1.74
HG MLE A 5 5.60 0.50 2.66
HD11 MLE A 5 6.23 -0.13 0.06
HD12 MLE A 5 7.84 -0.13 0.82
HD13 MLE A 5 6.56 -1.19 1.46
HD21 MLE A 5 8.24 1.88 2.03
HD22 MLE A 5 7.21 2.17 3.45
HD23 MLE A 5 8.03 0.60 3.25
N LEU A 6 2.11 2.41 1.70
CA LEU A 6 1.15 2.82 2.72
C LEU A 6 -0.01 1.84 2.81
N LEU A 7 -0.40 1.50 4.02
CA LEU A 7 -1.51 0.57 4.24
C LEU A 7 -2.69 0.92 3.35
N PRO A 8 -3.60 -0.05 3.17
CA PRO A 8 -3.47 -1.38 3.78
C PRO A 8 -2.33 -2.18 3.17
N DLE A 9 -1.81 -1.71 2.05
CA DLE A 9 -0.71 -2.40 1.35
CB DLE A 9 0.59 -1.63 1.58
CG DLE A 9 1.05 -1.83 3.02
CD1 DLE A 9 1.83 -3.13 3.13
CD2 DLE A 9 1.95 -0.65 3.43
C DLE A 9 -1.01 -2.46 -0.12
O DLE A 9 -1.16 -1.43 -0.79
H DLE A 9 -2.16 -0.88 1.66
HA DLE A 9 -0.62 -3.41 1.74
HB2 DLE A 9 0.42 -0.57 1.39
HB3 DLE A 9 1.35 -2.01 0.89
HG DLE A 9 0.19 -1.86 3.68
HD11 DLE A 9 1.64 -3.59 4.10
HD12 DLE A 9 1.52 -3.81 2.34
HD13 DLE A 9 2.90 -2.93 3.04
HD21 DLE A 9 1.47 -0.08 4.22
HD22 DLE A 9 2.90 -1.04 3.81
HD23 DLE A 9 2.13 -0.02 2.57
N DPR A 1 -1.60 -3.82 -0.83
CA DPR A 1 -1.84 -4.18 -2.24
CB DPR A 1 -1.78 -5.73 -2.27
CG DPR A 1 -2.56 -6.02 -0.96
CD DPR A 1 -1.94 -4.99 0.01
C DPR A 1 -0.81 -3.51 -3.11
O DPR A 1 0.36 -3.89 -3.10
HA DPR A 1 -2.84 -3.86 -2.54
HB2 DPR A 1 -2.30 -6.15 -3.13
HB3 DPR A 1 -0.77 -6.10 -2.20
HG2 DPR A 1 -3.63 -5.82 -1.10
HG3 DPR A 1 -2.39 -7.04 -0.63
HD2 DPR A 1 -1.03 -5.40 0.45
HD3 DPR A 1 -2.65 -4.71 0.78
N MAA A 2 -1.24 -2.51 -3.88
CM MAA A 2 -2.57 -1.91 -4.04
CA MAA A 2 -0.34 -1.78 -4.78
CB MAA A 2 -0.67 -2.13 -6.23
C MAA A 2 -0.50 -0.30 -4.57
O MAA A 2 -0.70 0.44 -5.52
HM1 MAA A 2 -2.75 -1.20 -3.24
HM2 MAA A 2 -2.63 -1.40 -5.00
HM3 MAA A 2 -3.33 -2.69 -4.00
HA MAA A 2 0.69 -2.07 -4.57
HB1 MAA A 2 -1.05 -3.16 -6.28
HB2 MAA A 2 -1.42 -1.44 -6.61
HB3 MAA A 2 0.24 -2.05 -6.84
N ALA A 3 -0.43 0.12 -3.31
CA ALA A 3 -0.58 1.54 -2.97
C ALA A 3 0.70 2.08 -2.34
N DVA A 4 1.78 2.10 -3.11
CA DVA A 4 3.08 2.60 -2.62
CB DVA A 4 4.14 2.39 -3.69
CG1 DVA A 4 5.48 2.91 -3.18
CG2 DVA A 4 4.27 0.89 -3.99
C DVA A 4 3.45 1.84 -1.36
O DVA A 4 3.38 0.62 -1.32
H DVA A 4 1.72 1.77 -4.03
HA DVA A 4 2.99 3.67 -2.39
HB DVA A 4 3.86 2.92 -4.59
HG11 DVA A 4 6.10 3.22 -4.02
HG12 DVA A 4 5.31 3.77 -2.52
HG13 DVA A 4 6.00 2.13 -2.62
HG21 DVA A 4 4.75 0.38 -3.15
HG22 DVA A 4 3.28 0.47 -4.15
HG23 DVA A 4 4.87 0.75 -4.89
N MLE A 5 3.86 2.59 -0.34
CN MLE A 5 4.00 4.05 -0.18
CA MLE A 5 4.26 1.98 0.94
CB MLE A 5 5.68 2.42 1.28
CG MLE A 5 6.58 2.21 0.07
CD1 MLE A 5 8.02 2.63 0.42
CD2 MLE A 5 6.56 0.74 -0.33
C MLE A 5 3.31 2.44 2.02
O MLE A 5 3.71 2.60 3.17
HN1 MLE A 5 4.93 4.37 -0.65
HN2 MLE A 5 3.16 4.55 -0.66
HN3 MLE A 5 4.02 4.29 0.89
HA MLE A 5 4.22 0.89 0.85
HB2 MLE A 5 5.68 3.46 1.57
HB3 MLE A 5 6.05 1.82 2.12
HG MLE A 5 6.23 2.82 -0.76
HD11 MLE A 5 8.03 3.67 0.72
HD12 MLE A 5 8.38 2.00 1.24
HD13 MLE A 5 8.66 2.49 -0.45
HD21 MLE A 5 7.57 0.43 -0.65
HD22 MLE A 5 6.25 0.14 0.51
HD23 MLE A 5 5.87 0.60 -1.17
N LEU A 6 2.05 2.63 1.67
CA LEU A 6 1.03 3.06 2.63
C LEU A 6 -0.06 2.01 2.76
N LEU A 7 -0.28 1.55 3.99
CA LEU A 7 -1.31 0.55 4.25
C LEU A 7 -2.61 0.90 3.54
N PRO A 8 -3.49 -0.10 3.37
CA PRO A 8 -3.23 -1.47 3.83
C PRO A 8 -2.14 -2.15 3.02
N DLE A 9 -1.94 -1.71 1.79
CA DLE A 9 -0.92 -2.28 0.90
CB DLE A 9 0.25 -1.32 0.79
CG DLE A 9 1.24 -1.58 1.93
CD1 DLE A 9 1.95 -2.91 1.69
CD2 DLE A 9 2.27 -0.44 1.98
C DLE A 9 -1.52 -2.51 -0.46
O DLE A 9 -1.76 -1.56 -1.22
H DLE A 9 -2.50 -0.97 1.45
HA DLE A 9 -0.58 -3.23 1.31
HB2 DLE A 9 -0.11 -0.29 0.85
HB3 DLE A 9 0.75 -1.46 -0.17
HG DLE A 9 0.70 -1.62 2.87
HD11 DLE A 9 1.80 -3.56 2.55
HD12 DLE A 9 1.55 -3.38 0.79
HD13 DLE A 9 3.02 -2.72 1.55
HD21 DLE A 9 2.38 -0.01 0.99
HD22 DLE A 9 1.93 0.32 2.68
HD23 DLE A 9 3.22 -0.84 2.31
N DPR A 1 -1.17 -3.91 -0.96
CA DPR A 1 -1.57 -4.26 -2.34
CB DPR A 1 -1.35 -5.82 -2.43
CG DPR A 1 -0.83 -6.28 -1.04
CD DPR A 1 -0.27 -4.96 -0.46
C DPR A 1 -0.74 -3.48 -3.34
O DPR A 1 0.38 -3.86 -3.65
HA DPR A 1 -2.63 -4.04 -2.49
HB2 DPR A 1 -2.31 -6.29 -2.65
HB3 DPR A 1 -0.63 -6.03 -3.20
HG2 DPR A 1 -1.64 -6.66 -0.42
HG3 DPR A 1 -0.04 -7.02 -1.15
HD2 DPR A 1 0.75 -4.79 -0.81
HD3 DPR A 1 -0.29 -4.99 0.63
N MAA A 2 -1.31 -2.39 -3.84
CM MAA A 2 -2.62 -1.77 -3.60
CA MAA A 2 -0.60 -1.54 -4.81
CB MAA A 2 -1.22 -1.74 -6.20
C MAA A 2 -0.73 -0.10 -4.41
O MAA A 2 -1.18 0.74 -5.19
HM1 MAA A 2 -3.36 -2.54 -3.43
HM2 MAA A 2 -2.56 -1.11 -2.74
HM3 MAA A 2 -2.90 -1.19 -4.49
HA MAA A 2 0.45 -1.82 -4.84
HB1 MAA A 2 -0.47 -1.54 -6.96
HB2 MAA A 2 -1.56 -2.77 -6.30
HB3 MAA A 2 -2.07 -1.05 -6.32
N ALA A 3 -0.35 0.20 -3.16
CA ALA A 3 -0.42 1.57 -2.66
C ALA A 3 0.96 2.06 -2.22
N DVA A 4 1.94 1.90 -3.11
CA DVA A 4 3.31 2.34 -2.81
CB DVA A 4 4.25 1.85 -3.92
CG1 DVA A 4 3.75 2.34 -5.28
CG2 DVA A 4 5.66 2.39 -3.67
C DVA A 4 3.75 1.77 -1.49
O DVA A 4 4.03 0.58 -1.37
H DVA A 4 1.75 1.48 -3.97
HA DVA A 4 3.35 3.42 -2.77
HB DVA A 4 4.27 0.75 -3.92
HG11 DVA A 4 3.37 3.36 -5.18
HG12 DVA A 4 4.57 2.32 -5.99
HG13 DVA A 4 2.95 1.69 -5.63
HG21 DVA A 4 6.00 2.94 -4.54
HG22 DVA A 4 5.64 3.05 -2.80
HG23 DVA A 4 6.34 1.55 -3.48
N MLE A 5 3.82 2.63 -0.48
CN MLE A 5 3.54 4.07 -0.40
CA MLE A 5 4.24 2.20 0.86
CB MLE A 5 5.64 2.72 1.15
CG MLE A 5 6.67 1.69 0.69
CD1 MLE A 5 7.03 1.95 -0.77
CD2 MLE A 5 7.93 1.81 1.55
C MLE A 5 3.27 2.76 1.88
O MLE A 5 3.68 3.34 2.89
HN1 MLE A 5 4.06 4.49 0.46
HN2 MLE A 5 3.89 4.55 -1.31
HN3 MLE A 5 2.47 4.22 -0.29
HA MLE A 5 4.23 1.11 0.92
HB2 MLE A 5 5.79 3.67 0.62
HB3 MLE A 5 5.75 2.90 2.23
HG MLE A 5 6.25 0.69 0.80
HD11 MLE A 5 6.73 2.96 -1.05
HD12 MLE A 5 8.10 1.83 -0.91
HD13 MLE A 5 6.50 1.23 -1.40
HD21 MLE A 5 8.59 0.97 1.35
HD22 MLE A 5 8.46 2.74 1.31
HD23 MLE A 5 7.65 1.82 2.61
N LEU A 6 1.98 2.58 1.62
CA LEU A 6 0.94 3.07 2.54
C LEU A 6 -0.15 2.02 2.72
N LEU A 7 -0.33 1.58 3.96
CA LEU A 7 -1.36 0.58 4.27
C LEU A 7 -2.68 0.92 3.59
N PRO A 8 -3.56 -0.09 3.46
CA PRO A 8 -3.27 -1.44 3.94
C PRO A 8 -2.20 -2.14 3.11
N DLE A 9 -2.14 -1.81 1.83
CA DLE A 9 -1.16 -2.41 0.92
CB DLE A 9 -0.14 -1.35 0.50
CG DLE A 9 1.18 -1.58 1.24
CD1 DLE A 9 1.82 -2.87 0.74
CD2 DLE A 9 2.11 -0.40 0.98
C DLE A 9 -1.86 -2.95 -0.30
O DLE A 9 -2.93 -2.48 -0.67
H DLE A 9 -2.78 -1.15 1.47
HA DLE A 9 -0.64 -3.22 1.43
HB2 DLE A 9 -0.53 -0.36 0.74
HB3 DLE A 9 0.03 -1.41 -0.58
HG DLE A 9 0.99 -1.66 2.31
HD11 DLE A 9 1.39 -3.72 1.26
HD12 DLE A 9 1.65 -2.97 -0.33
HD13 DLE A 9 2.89 -2.83 0.93
HD21 DLE A 9 3.08 -0.77 0.63
HD22 DLE A 9 1.68 0.25 0.23
HD23 DLE A 9 2.26 0.17 1.90
N DPR A 1 -0.69 -3.58 -0.86
CA DPR A 1 -1.27 -3.96 -2.17
CB DPR A 1 -1.03 -5.48 -2.30
CG DPR A 1 0.40 -5.54 -1.70
CD DPR A 1 0.27 -4.62 -0.46
C DPR A 1 -0.64 -3.12 -3.26
O DPR A 1 0.54 -3.26 -3.55
HA DPR A 1 -2.35 -3.79 -2.17
HB2 DPR A 1 -1.72 -6.06 -1.70
HB3 DPR A 1 -1.02 -5.82 -3.33
HG2 DPR A 1 0.66 -6.56 -1.41
HG3 DPR A 1 1.14 -5.14 -2.40
HD2 DPR A 1 1.23 -4.17 -0.21
HD3 DPR A 1 -0.12 -5.19 0.39
N MAA A 2 -1.44 -2.25 -3.86
CM MAA A 2 -2.86 -1.92 -3.67
CA MAA A 2 -0.94 -1.38 -4.95
CB MAA A 2 -1.84 -1.54 -6.17
C MAA A 2 -0.97 0.06 -4.48
O MAA A 2 -1.34 0.95 -5.24
HM1 MAA A 2 -3.47 -2.60 -4.28
HM2 MAA A 2 -3.11 -2.03 -2.62
HM3 MAA A 2 -3.04 -0.89 -3.98
HA MAA A 2 0.08 -1.66 -5.20
HB1 MAA A 2 -2.63 -0.78 -6.15
HB2 MAA A 2 -1.25 -1.41 -7.08
HB3 MAA A 2 -2.30 -2.53 -6.16
N ALA A 3 -0.58 0.28 -3.23
CA ALA A 3 -0.55 1.62 -2.67
C ALA A 3 0.85 1.99 -2.20
N DVA A 4 1.84 1.67 -3.01
CA DVA A 4 3.24 1.98 -2.68
CB DVA A 4 4.16 1.33 -3.72
CG1 DVA A 4 3.81 1.86 -5.12
CG2 DVA A 4 5.62 1.70 -3.40
C DVA A 4 3.56 1.42 -1.32
O DVA A 4 3.54 0.21 -1.11
H DVA A 4 1.64 1.22 -3.86
HA DVA A 4 3.39 3.06 -2.68
HB DVA A 4 4.05 0.26 -3.69
HG11 DVA A 4 3.05 1.20 -5.56
HG12 DVA A 4 3.42 2.87 -5.03
HG13 DVA A 4 4.70 1.85 -5.74
HG21 DVA A 4 5.64 2.45 -2.62
HG22 DVA A 4 6.14 0.81 -3.06
HG23 DVA A 4 6.10 2.08 -4.30
N MLE A 5 3.87 2.32 -0.38
CN MLE A 5 3.95 3.78 -0.41
CA MLE A 5 4.20 1.90 0.99
CB MLE A 5 5.57 2.45 1.37
CG MLE A 5 6.58 2.11 0.27
CD1 MLE A 5 7.95 2.70 0.61
CD2 MLE A 5 6.69 0.59 0.13
C MLE A 5 3.16 2.45 1.95
O MLE A 5 3.47 2.78 3.09
HN1 MLE A 5 3.15 4.18 -1.04
HN2 MLE A 5 3.85 4.17 0.59
HN3 MLE A 5 4.92 4.07 -0.83
HA MLE A 5 4.21 0.81 1.06
HB2 MLE A 5 5.51 3.53 1.49
HB3 MLE A 5 5.90 2.00 2.30
HG MLE A 5 6.23 2.53 -0.68
HD11 MLE A 5 8.16 2.53 1.66
HD12 MLE A 5 8.71 2.23 0.00
HD13 MLE A 5 7.93 3.78 0.42
HD21 MLE A 5 6.30 0.12 1.03
HD22 MLE A 5 6.13 0.26 -0.73
HD23 MLE A 5 7.74 0.32 0.00
N LEU A 6 1.93 2.54 1.47
CA LEU A 6 0.83 3.06 2.29
C LEU A 6 -0.24 1.99 2.51
N LEU A 7 -0.47 1.65 3.77
CA LEU A 7 -1.46 0.64 4.12
C LEU A 7 -2.76 0.86 3.34
N PRO A 8 -3.60 -0.17 3.28
CA PRO A 8 -3.32 -1.47 3.90
C PRO A 8 -2.18 -2.22 3.20
N DLE A 9 -1.81 -1.74 2.02
CA DLE A 9 -0.75 -2.37 1.23
CB DLE A 9 0.51 -1.48 1.29
CG DLE A 9 1.16 -1.62 2.66
CD1 DLE A 9 1.96 -2.92 2.72
CD2 DLE A 9 2.09 -0.43 2.90
C DLE A 9 -1.19 -2.51 -0.20
O DLE A 9 -1.88 -1.64 -0.74
H DLE A 9 -2.28 -0.95 1.66
HA DLE A 9 -0.52 -3.35 1.64
HB2 DLE A 9 0.23 -0.44 1.11
HB3 DLE A 9 1.21 -1.81 0.52
HG DLE A 9 0.38 -1.63 3.44
HD11 DLE A 9 3.01 -2.69 2.93
HD12 DLE A 9 1.56 -3.55 3.51
HD13 DLE A 9 1.88 -3.43 1.77
HD21 DLE A 9 1.57 0.33 3.48
HD22 DLE A 9 2.97 -0.76 3.45
HD23 DLE A 9 2.40 -0.01 1.94
#